data_6B73
#
_entry.id   6B73
#
_cell.length_a   62.310
_cell.length_b   150.750
_cell.length_c   100.280
_cell.angle_alpha   90.00
_cell.angle_beta   105.66
_cell.angle_gamma   90.00
#
_symmetry.space_group_name_H-M   'P 1 21 1'
#
loop_
_entity.id
_entity.type
_entity.pdbx_description
1 polymer 'Soluble cytochrome b562, kappa-type opioid receptor'
2 polymer Nanobody
3 non-polymer N-[(5alpha,6beta)-17-(cyclopropylmethyl)-3-hydroxy-7,8-didehydro-4,5-epoxymorphinan-6-yl]-3-iodobenzamide
4 non-polymer CHOLESTEROL
5 non-polymer 'OLEIC ACID'
#
loop_
_entity_poly.entity_id
_entity_poly.type
_entity_poly.pdbx_seq_one_letter_code
_entity_poly.pdbx_strand_id
1 'polypeptide(L)'
;GGTTMADLEDNWETLNDNLKVIEKADNAAQVKDALTKMRAAALDAQKATPPKLEDKSPDSPEMKDFRHGFDILVGQIDDA
LKLANEGKVKEAQAAAEQLKTTRNAYIQKYLGSISPAIPVIITAVYSVVFVVGLVGNSLVMFVIIRYTKMKTATNIYIFN
LALADALVTTTMPFQSTVYLMNSWPFGDVLCKIVLSIDYYNMFTSIFTLTMMSVDRYIAVCHPVKALDFRTPLKAKIINI
CIWLLSSSVGISAIVLGGTKVREDVDVIECSLQFPDDDYSWWDLFMKICVFIFAFVIPVLIIIVCYTLMILRLKSVRLLS
GSREKDRNLRRITRLVLVVVAVFVVCWTPIHIFILVEALGSTSHSTAALSSYYFCIALGYTNSSLNPILYAFLDENFKRC
FRDFCFPLKMRMERQSTS
;
A,B
2 'polypeptide(L)'
;MAQVQLVESGGGLVRPGGSLRLSCVDSERTSYPMGWFRRAPGKEREFVASITWSGIDPTYADSVADRFTTSRDVANNTLY
LQMNSLKHEDTAVYYCAARAPVGQSSSPYDYDYWGQGTQVTVSSHHHHHHEPEA
;
C,D
#
loop_
_chem_comp.id
_chem_comp.type
_chem_comp.name
_chem_comp.formula
CLR non-polymer CHOLESTEROL 'C27 H46 O'
CVV non-polymer N-[(5alpha,6beta)-17-(cyclopropylmethyl)-3-hydroxy-7,8-didehydro-4,5-epoxymorphinan-6-yl]-3-iodobenzamide 'C27 H27 I N2 O3'
OLA non-polymer 'OLEIC ACID' 'C18 H34 O2'
#
# COMPACT_ATOMS: atom_id res chain seq x y z
N LEU A 111 1.24 36.89 25.73
CA LEU A 111 1.89 38.19 25.68
C LEU A 111 2.70 38.48 26.95
N GLY A 112 2.19 38.05 28.10
CA GLY A 112 2.83 38.25 29.41
C GLY A 112 3.20 36.97 30.14
N SER A 113 3.65 37.11 31.41
CA SER A 113 4.09 35.99 32.25
C SER A 113 2.90 35.15 32.76
N ILE A 114 1.83 35.81 33.29
CA ILE A 114 0.63 35.13 33.81
C ILE A 114 -0.01 34.31 32.67
N SER A 115 -0.09 32.99 32.86
CA SER A 115 -0.60 32.05 31.87
C SER A 115 -2.13 31.88 31.99
N PRO A 116 -2.88 31.77 30.86
CA PRO A 116 -4.33 31.55 30.97
C PRO A 116 -4.63 30.12 31.45
N ALA A 117 -5.80 29.93 32.10
CA ALA A 117 -6.20 28.64 32.68
C ALA A 117 -6.61 27.60 31.59
N ILE A 118 -5.98 27.66 30.40
CA ILE A 118 -6.21 26.73 29.30
C ILE A 118 -5.86 25.27 29.75
N PRO A 119 -4.73 25.00 30.48
CA PRO A 119 -4.43 23.61 30.86
C PRO A 119 -5.52 22.99 31.75
N VAL A 120 -6.19 23.82 32.58
CA VAL A 120 -7.28 23.37 33.45
C VAL A 120 -8.48 22.94 32.56
N ILE A 121 -8.80 23.75 31.52
CA ILE A 121 -9.89 23.48 30.56
C ILE A 121 -9.60 22.16 29.82
N ILE A 122 -8.34 21.98 29.41
CA ILE A 122 -7.87 20.79 28.69
C ILE A 122 -8.05 19.54 29.59
N THR A 123 -7.62 19.64 30.87
CA THR A 123 -7.71 18.54 31.85
C THR A 123 -9.20 18.20 32.08
N ALA A 124 -10.10 19.20 31.98
CA ALA A 124 -11.54 19.04 32.14
C ALA A 124 -12.17 18.35 30.90
N VAL A 125 -11.74 18.72 29.66
CA VAL A 125 -12.25 18.07 28.43
C VAL A 125 -11.82 16.60 28.48
N TYR A 126 -10.53 16.34 28.75
CA TYR A 126 -9.97 14.99 28.90
C TYR A 126 -10.80 14.15 29.87
N SER A 127 -11.21 14.73 31.02
CA SER A 127 -12.02 14.04 32.01
C SER A 127 -13.35 13.59 31.40
N VAL A 128 -14.02 14.48 30.63
CA VAL A 128 -15.31 14.19 30.02
C VAL A 128 -15.13 13.06 28.98
N VAL A 129 -14.28 13.29 27.97
CA VAL A 129 -13.98 12.36 26.86
C VAL A 129 -13.55 10.97 27.43
N PHE A 130 -12.74 10.95 28.51
CA PHE A 130 -12.26 9.70 29.12
C PHE A 130 -13.42 8.91 29.74
N VAL A 131 -14.19 9.53 30.65
CA VAL A 131 -15.29 8.86 31.35
C VAL A 131 -16.41 8.49 30.31
N VAL A 132 -16.87 9.46 29.50
CA VAL A 132 -17.92 9.22 28.48
C VAL A 132 -17.52 8.00 27.62
N GLY A 133 -16.28 7.97 27.16
CA GLY A 133 -15.74 6.91 26.32
C GLY A 133 -15.56 5.57 27.01
N LEU A 134 -15.05 5.60 28.25
CA LEU A 134 -14.80 4.37 29.00
C LEU A 134 -16.15 3.74 29.47
N VAL A 135 -17.10 4.57 29.96
CA VAL A 135 -18.42 4.10 30.42
C VAL A 135 -19.25 3.64 29.20
N GLY A 136 -19.31 4.49 28.16
CA GLY A 136 -20.06 4.23 26.94
C GLY A 136 -19.74 2.91 26.28
N ASN A 137 -18.45 2.69 25.97
CA ASN A 137 -17.98 1.47 25.31
C ASN A 137 -18.06 0.26 26.25
N SER A 138 -17.93 0.45 27.57
CA SER A 138 -18.07 -0.66 28.50
C SER A 138 -19.54 -1.06 28.61
N LEU A 139 -20.46 -0.09 28.42
CA LEU A 139 -21.90 -0.32 28.47
C LEU A 139 -22.35 -1.13 27.26
N VAL A 140 -21.82 -0.79 26.05
CA VAL A 140 -22.14 -1.46 24.78
C VAL A 140 -21.75 -2.94 24.86
N MET A 141 -20.49 -3.24 25.25
CA MET A 141 -19.99 -4.60 25.38
C MET A 141 -20.84 -5.41 26.36
N PHE A 142 -21.19 -4.82 27.53
CA PHE A 142 -22.03 -5.46 28.54
C PHE A 142 -23.35 -5.95 27.94
N VAL A 143 -24.04 -5.07 27.19
CA VAL A 143 -25.34 -5.36 26.57
C VAL A 143 -25.18 -6.56 25.59
N ILE A 144 -24.14 -6.54 24.74
CA ILE A 144 -23.88 -7.57 23.74
C ILE A 144 -23.54 -8.93 24.43
N ILE A 145 -22.70 -8.92 25.47
CA ILE A 145 -22.29 -10.14 26.16
C ILE A 145 -23.49 -10.77 26.93
N ARG A 146 -24.26 -9.95 27.67
CA ARG A 146 -25.34 -10.43 28.53
C ARG A 146 -26.72 -10.56 27.83
N TYR A 147 -26.94 -9.94 26.65
CA TYR A 147 -28.29 -9.98 26.07
C TYR A 147 -28.31 -10.40 24.59
N THR A 148 -27.46 -9.83 23.72
CA THR A 148 -27.54 -10.12 22.29
C THR A 148 -26.79 -11.42 21.94
N LYS A 149 -25.73 -11.79 22.71
CA LYS A 149 -24.90 -13.00 22.54
C LYS A 149 -24.07 -12.98 21.20
N MET A 150 -24.13 -11.87 20.48
CA MET A 150 -23.39 -11.68 19.24
C MET A 150 -23.37 -12.89 18.32
N LYS A 151 -24.54 -13.39 17.96
CA LYS A 151 -24.64 -14.53 17.04
C LYS A 151 -24.67 -14.02 15.59
N THR A 152 -25.07 -12.76 15.37
CA THR A 152 -25.13 -12.09 14.06
C THR A 152 -23.79 -11.39 13.77
N ALA A 153 -23.49 -11.17 12.48
CA ALA A 153 -22.28 -10.49 12.01
C ALA A 153 -22.28 -9.01 12.42
N THR A 154 -23.46 -8.39 12.46
CA THR A 154 -23.67 -6.98 12.83
C THR A 154 -23.10 -6.71 14.24
N ASN A 155 -23.59 -7.46 15.25
CA ASN A 155 -23.18 -7.35 16.66
C ASN A 155 -21.69 -7.66 16.86
N ILE A 156 -21.11 -8.56 16.03
CA ILE A 156 -19.70 -8.91 16.08
C ILE A 156 -18.88 -7.64 15.80
N TYR A 157 -19.24 -6.86 14.76
CA TYR A 157 -18.58 -5.60 14.47
C TYR A 157 -18.74 -4.61 15.62
N ILE A 158 -19.98 -4.44 16.12
CA ILE A 158 -20.37 -3.50 17.20
C ILE A 158 -19.53 -3.78 18.46
N PHE A 159 -19.32 -5.08 18.79
CA PHE A 159 -18.54 -5.47 19.96
C PHE A 159 -17.06 -5.12 19.78
N ASN A 160 -16.46 -5.53 18.65
CA ASN A 160 -15.04 -5.32 18.36
C ASN A 160 -14.71 -3.82 18.24
N LEU A 161 -15.66 -3.00 17.75
CA LEU A 161 -15.48 -1.54 17.70
C LEU A 161 -15.49 -0.98 19.12
N ALA A 162 -16.49 -1.40 19.94
CA ALA A 162 -16.65 -0.98 21.34
C ALA A 162 -15.42 -1.37 22.17
N LEU A 163 -14.88 -2.59 21.95
CA LEU A 163 -13.70 -3.11 22.64
C LEU A 163 -12.45 -2.30 22.28
N ALA A 164 -12.29 -1.94 20.99
CA ALA A 164 -11.15 -1.15 20.50
C ALA A 164 -11.21 0.28 21.04
N ASP A 165 -12.41 0.89 21.06
CA ASP A 165 -12.61 2.24 21.58
C ASP A 165 -12.51 2.28 23.11
N ALA A 166 -12.78 1.15 23.77
CA ALA A 166 -12.68 1.06 25.23
C ALA A 166 -11.21 1.03 25.67
N LEU A 167 -10.33 0.44 24.84
CA LEU A 167 -8.92 0.28 25.15
C LEU A 167 -8.11 1.49 24.68
N VAL A 168 -8.66 2.33 23.77
CA VAL A 168 -7.92 3.51 23.33
C VAL A 168 -8.07 4.61 24.38
N THR A 169 -9.25 4.70 25.05
CA THR A 169 -9.48 5.71 26.08
C THR A 169 -8.65 5.40 27.33
N THR A 170 -8.24 4.14 27.50
CA THR A 170 -7.40 3.66 28.61
C THR A 170 -6.05 4.41 28.62
N THR A 171 -5.52 4.72 27.43
CA THR A 171 -4.23 5.42 27.27
C THR A 171 -4.35 6.92 27.55
N MET A 172 -5.57 7.48 27.40
CA MET A 172 -5.89 8.90 27.47
C MET A 172 -5.30 9.58 28.77
N PRO A 173 -5.50 9.06 30.03
CA PRO A 173 -4.92 9.75 31.20
C PRO A 173 -3.40 9.99 31.09
N PHE A 174 -2.67 9.10 30.36
CA PHE A 174 -1.22 9.22 30.18
C PHE A 174 -0.91 10.48 29.37
N GLN A 175 -1.69 10.77 28.30
CA GLN A 175 -1.53 11.99 27.48
C GLN A 175 -1.74 13.24 28.33
N SER A 176 -2.83 13.22 29.14
CA SER A 176 -3.21 14.30 30.04
C SER A 176 -2.06 14.67 31.00
N THR A 177 -1.50 13.64 31.69
CA THR A 177 -0.41 13.71 32.65
C THR A 177 0.88 14.27 32.01
N VAL A 178 1.28 13.73 30.83
CA VAL A 178 2.49 14.11 30.09
C VAL A 178 2.42 15.58 29.67
N TYR A 179 1.23 16.07 29.25
CA TYR A 179 1.05 17.47 28.85
C TYR A 179 1.37 18.41 30.01
N LEU A 180 0.82 18.13 31.19
CA LEU A 180 0.94 18.98 32.37
C LEU A 180 2.32 18.82 33.04
N MET A 181 2.81 17.58 33.23
CA MET A 181 4.14 17.36 33.84
C MET A 181 5.27 17.79 32.91
N ASN A 182 5.09 17.56 31.59
CA ASN A 182 6.03 17.86 30.50
C ASN A 182 7.30 16.96 30.67
N SER A 183 7.07 15.64 30.91
CA SER A 183 8.09 14.58 31.08
C SER A 183 7.45 13.20 31.28
N TRP A 184 8.16 12.13 30.85
CA TRP A 184 7.75 10.74 31.05
C TRP A 184 8.72 10.09 32.06
N PRO A 185 8.39 10.10 33.37
CA PRO A 185 9.34 9.52 34.34
C PRO A 185 9.01 8.07 34.72
N PHE A 186 8.17 7.41 33.93
CA PHE A 186 7.67 6.07 34.25
C PHE A 186 8.44 4.94 33.52
N GLY A 187 9.66 5.24 33.05
CA GLY A 187 10.52 4.26 32.40
C GLY A 187 10.13 3.82 31.00
N ASP A 188 10.98 2.98 30.37
CA ASP A 188 10.75 2.49 29.00
C ASP A 188 9.73 1.36 28.98
N VAL A 189 9.69 0.54 30.06
CA VAL A 189 8.80 -0.62 30.17
C VAL A 189 7.33 -0.17 30.04
N LEU A 190 6.90 0.87 30.77
CA LEU A 190 5.53 1.37 30.67
C LEU A 190 5.32 2.06 29.33
N CYS A 191 6.34 2.82 28.88
CA CYS A 191 6.36 3.55 27.60
C CYS A 191 6.00 2.60 26.44
N LYS A 192 6.72 1.47 26.32
CA LYS A 192 6.49 0.44 25.31
C LYS A 192 5.07 -0.11 25.37
N ILE A 193 4.52 -0.31 26.60
CA ILE A 193 3.17 -0.85 26.81
C ILE A 193 2.12 0.18 26.37
N VAL A 194 2.18 1.41 26.92
CA VAL A 194 1.22 2.50 26.68
C VAL A 194 1.23 2.88 25.17
N LEU A 195 2.41 2.96 24.52
CA LEU A 195 2.46 3.29 23.09
C LEU A 195 1.79 2.20 22.24
N SER A 196 2.09 0.91 22.50
CA SER A 196 1.56 -0.22 21.73
C SER A 196 0.03 -0.28 21.81
N ILE A 197 -0.55 -0.03 23.01
CA ILE A 197 -2.00 -0.02 23.21
C ILE A 197 -2.61 1.16 22.42
N ASP A 198 -1.95 2.34 22.45
CA ASP A 198 -2.39 3.56 21.79
C ASP A 198 -2.47 3.36 20.26
N TYR A 199 -1.41 2.76 19.64
CA TYR A 199 -1.32 2.46 18.20
C TYR A 199 -2.22 1.29 17.78
N TYR A 200 -2.02 0.10 18.38
CA TYR A 200 -2.74 -1.14 18.04
C TYR A 200 -4.25 -0.88 17.91
N ASN A 201 -4.88 -0.36 18.97
CA ASN A 201 -6.31 -0.14 18.98
C ASN A 201 -6.72 1.09 18.14
N MET A 202 -5.77 1.96 17.71
CA MET A 202 -6.13 3.07 16.81
C MET A 202 -6.56 2.48 15.47
N PHE A 203 -5.73 1.56 14.91
CA PHE A 203 -6.01 0.85 13.66
C PHE A 203 -7.19 -0.11 13.83
N THR A 204 -7.30 -0.80 15.00
CA THR A 204 -8.39 -1.74 15.28
C THR A 204 -9.71 -0.95 15.32
N SER A 205 -9.70 0.28 15.89
CA SER A 205 -10.88 1.15 15.91
C SER A 205 -11.28 1.59 14.47
N ILE A 206 -10.31 2.15 13.72
CA ILE A 206 -10.52 2.73 12.39
C ILE A 206 -10.80 1.62 11.33
N PHE A 207 -10.08 0.47 11.36
CA PHE A 207 -10.30 -0.58 10.35
C PHE A 207 -11.65 -1.32 10.58
N THR A 208 -12.11 -1.47 11.84
CA THR A 208 -13.42 -2.10 12.11
C THR A 208 -14.51 -1.15 11.57
N LEU A 209 -14.35 0.15 11.86
CA LEU A 209 -15.22 1.26 11.45
C LEU A 209 -15.37 1.33 9.93
N THR A 210 -14.28 1.02 9.20
CA THR A 210 -14.20 1.04 7.74
C THR A 210 -14.85 -0.21 7.14
N MET A 211 -14.67 -1.39 7.78
CA MET A 211 -15.27 -2.64 7.29
C MET A 211 -16.78 -2.63 7.51
N MET A 212 -17.26 -1.80 8.43
CA MET A 212 -18.69 -1.57 8.63
C MET A 212 -19.25 -0.85 7.42
N SER A 213 -18.45 0.11 6.89
CA SER A 213 -18.76 0.89 5.71
C SER A 213 -18.81 -0.03 4.47
N VAL A 214 -17.81 -0.95 4.35
CA VAL A 214 -17.69 -1.92 3.26
C VAL A 214 -18.84 -2.94 3.35
N ASP A 215 -19.19 -3.37 4.58
CA ASP A 215 -20.27 -4.33 4.83
C ASP A 215 -21.61 -3.72 4.38
N ARG A 216 -21.89 -2.46 4.79
CA ARG A 216 -23.10 -1.71 4.42
C ARG A 216 -23.12 -1.41 2.91
N TYR A 217 -21.93 -1.23 2.29
CA TYR A 217 -21.79 -0.99 0.86
C TYR A 217 -22.18 -2.23 0.06
N ILE A 218 -21.59 -3.39 0.40
CA ILE A 218 -21.85 -4.67 -0.26
C ILE A 218 -23.33 -5.03 -0.07
N ALA A 219 -23.88 -4.74 1.12
CA ALA A 219 -25.28 -5.01 1.46
C ALA A 219 -26.27 -4.42 0.42
N VAL A 220 -25.98 -3.24 -0.12
CA VAL A 220 -26.88 -2.54 -1.01
C VAL A 220 -26.46 -2.74 -2.49
N CYS A 221 -25.15 -2.60 -2.79
CA CYS A 221 -24.64 -2.60 -4.15
C CYS A 221 -24.35 -4.03 -4.65
N HIS A 222 -23.97 -4.97 -3.77
CA HIS A 222 -23.69 -6.35 -4.21
C HIS A 222 -24.57 -7.31 -3.37
N PRO A 223 -25.91 -7.34 -3.59
CA PRO A 223 -26.79 -8.13 -2.72
C PRO A 223 -26.54 -9.64 -2.78
N VAL A 224 -26.08 -10.17 -3.92
CA VAL A 224 -25.82 -11.61 -4.04
C VAL A 224 -24.50 -11.94 -3.28
N LYS A 225 -23.54 -10.98 -3.29
CA LYS A 225 -22.28 -11.09 -2.56
C LYS A 225 -22.51 -10.95 -1.08
N ALA A 226 -23.51 -10.13 -0.68
CA ALA A 226 -23.88 -9.86 0.71
C ALA A 226 -24.24 -11.17 1.45
N LEU A 227 -24.86 -12.13 0.74
CA LEU A 227 -25.21 -13.44 1.27
C LEU A 227 -23.96 -14.25 1.63
N ASP A 228 -22.91 -14.05 0.85
CA ASP A 228 -21.64 -14.76 1.02
C ASP A 228 -20.57 -13.94 1.72
N PHE A 229 -20.95 -12.81 2.32
CA PHE A 229 -20.03 -11.87 2.97
C PHE A 229 -20.54 -11.38 4.34
N ARG A 230 -21.86 -11.27 4.54
CA ARG A 230 -22.39 -10.71 5.79
C ARG A 230 -22.80 -11.85 6.77
N THR A 231 -21.99 -12.93 6.84
CA THR A 231 -22.20 -14.08 7.73
C THR A 231 -21.42 -13.88 9.04
N PRO A 232 -21.82 -14.52 10.17
CA PRO A 232 -21.05 -14.35 11.43
C PRO A 232 -19.59 -14.77 11.27
N LEU A 233 -19.32 -15.84 10.48
CA LEU A 233 -17.98 -16.34 10.17
C LEU A 233 -17.13 -15.25 9.50
N LYS A 234 -17.64 -14.66 8.40
CA LYS A 234 -16.96 -13.63 7.60
C LYS A 234 -16.60 -12.42 8.45
N ALA A 235 -17.53 -11.95 9.32
CA ALA A 235 -17.28 -10.82 10.23
C ALA A 235 -16.10 -11.12 11.16
N LYS A 236 -16.07 -12.35 11.75
CA LYS A 236 -15.02 -12.85 12.63
C LYS A 236 -13.68 -12.89 11.90
N ILE A 237 -13.64 -13.44 10.67
CA ILE A 237 -12.43 -13.53 9.83
C ILE A 237 -11.89 -12.11 9.55
N ILE A 238 -12.78 -11.17 9.19
CA ILE A 238 -12.43 -9.77 8.91
C ILE A 238 -11.74 -9.16 10.15
N ASN A 239 -12.27 -9.40 11.37
CA ASN A 239 -11.65 -8.92 12.61
C ASN A 239 -10.34 -9.66 12.90
N ILE A 240 -10.21 -10.95 12.50
CA ILE A 240 -8.96 -11.70 12.67
C ILE A 240 -7.87 -11.05 11.80
N CYS A 241 -8.26 -10.53 10.60
CA CYS A 241 -7.36 -9.83 9.69
C CYS A 241 -6.98 -8.46 10.27
N ILE A 242 -7.97 -7.75 10.88
CA ILE A 242 -7.81 -6.43 11.53
C ILE A 242 -6.87 -6.59 12.77
N TRP A 243 -6.94 -7.75 13.44
CA TRP A 243 -6.09 -8.12 14.56
C TRP A 243 -4.63 -8.23 14.08
N LEU A 244 -4.42 -8.93 12.94
CA LEU A 244 -3.10 -9.14 12.32
C LEU A 244 -2.46 -7.84 11.85
N LEU A 245 -3.21 -7.01 11.06
CA LEU A 245 -2.72 -5.74 10.52
C LEU A 245 -2.32 -4.76 11.64
N SER A 246 -3.08 -4.75 12.75
CA SER A 246 -2.81 -3.88 13.89
C SER A 246 -1.64 -4.42 14.72
N SER A 247 -1.60 -5.75 14.96
CA SER A 247 -0.52 -6.39 15.74
C SER A 247 0.85 -6.12 15.11
N SER A 248 0.89 -5.87 13.78
CA SER A 248 2.14 -5.51 13.10
C SER A 248 2.67 -4.18 13.67
N VAL A 249 1.78 -3.18 13.86
CA VAL A 249 2.12 -1.87 14.41
C VAL A 249 2.35 -2.02 15.93
N GLY A 250 1.60 -2.93 16.55
CA GLY A 250 1.69 -3.24 17.97
C GLY A 250 3.04 -3.78 18.39
N ILE A 251 3.56 -4.77 17.63
CA ILE A 251 4.88 -5.38 17.85
C ILE A 251 5.97 -4.32 17.56
N SER A 252 5.73 -3.47 16.53
CA SER A 252 6.63 -2.38 16.15
C SER A 252 6.75 -1.34 17.26
N ALA A 253 5.65 -1.10 18.00
CA ALA A 253 5.62 -0.15 19.10
C ALA A 253 6.31 -0.72 20.34
N ILE A 254 6.26 -2.06 20.53
CA ILE A 254 6.89 -2.75 21.67
C ILE A 254 8.42 -2.77 21.46
N VAL A 255 8.86 -3.00 20.22
CA VAL A 255 10.29 -3.12 19.96
C VAL A 255 10.94 -1.70 19.82
N LEU A 256 10.27 -0.74 19.13
CA LEU A 256 10.83 0.59 18.86
C LEU A 256 10.54 1.61 19.96
N GLY A 257 9.44 1.44 20.70
CA GLY A 257 9.05 2.36 21.77
C GLY A 257 10.11 2.51 22.85
N GLY A 258 10.27 3.72 23.35
CA GLY A 258 11.26 4.02 24.38
C GLY A 258 11.31 5.45 24.82
N THR A 259 12.27 5.74 25.71
CA THR A 259 12.51 7.02 26.37
C THR A 259 13.78 7.72 25.79
N LYS A 260 13.69 9.08 25.59
CA LYS A 260 14.78 9.92 25.06
C LYS A 260 14.95 11.17 25.94
N VAL A 261 16.21 11.50 26.30
CA VAL A 261 16.57 12.64 27.16
C VAL A 261 16.56 13.99 26.40
N ARG A 262 16.42 13.95 25.05
CA ARG A 262 16.39 15.15 24.19
C ARG A 262 15.14 16.00 24.45
N ASP A 266 16.16 18.51 28.71
CA ASP A 266 16.09 18.11 30.11
C ASP A 266 14.66 17.61 30.48
N VAL A 267 13.80 17.42 29.45
CA VAL A 267 12.43 16.89 29.58
C VAL A 267 12.41 15.52 28.90
N ILE A 268 12.12 14.48 29.69
CA ILE A 268 12.13 13.09 29.23
C ILE A 268 10.90 12.83 28.32
N GLU A 269 11.14 12.22 27.13
CA GLU A 269 10.09 11.96 26.14
C GLU A 269 9.90 10.46 25.89
N CYS A 270 8.63 10.03 25.77
CA CYS A 270 8.21 8.67 25.41
C CYS A 270 7.71 8.69 23.97
N SER A 271 8.39 7.94 23.05
CA SER A 271 8.07 7.88 21.62
C SER A 271 8.71 6.67 20.95
N LEU A 272 8.37 6.42 19.67
CA LEU A 272 9.03 5.38 18.87
C LEU A 272 10.45 5.87 18.56
N GLN A 273 11.45 5.17 19.11
CA GLN A 273 12.84 5.57 18.96
C GLN A 273 13.47 4.90 17.74
N PHE A 274 14.08 5.73 16.87
CA PHE A 274 14.74 5.30 15.65
C PHE A 274 16.21 5.77 15.63
N PRO A 275 17.13 5.06 14.94
CA PRO A 275 18.54 5.56 14.87
C PRO A 275 18.64 6.82 14.00
N ASP A 276 19.34 7.86 14.50
CA ASP A 276 19.47 9.14 13.80
C ASP A 276 20.61 9.13 12.77
N ASP A 277 21.49 8.11 12.82
CA ASP A 277 22.67 7.96 11.96
C ASP A 277 22.38 8.07 10.46
N ASP A 278 23.36 8.51 9.69
CA ASP A 278 23.24 8.60 8.24
C ASP A 278 22.00 9.30 7.69
N TYR A 279 21.83 10.57 8.05
CA TYR A 279 20.71 11.40 7.54
C TYR A 279 19.36 10.62 7.50
N SER A 280 19.15 9.65 8.43
CA SER A 280 17.91 8.85 8.47
C SER A 280 16.68 9.72 8.70
N TRP A 281 15.54 9.29 8.12
CA TRP A 281 14.28 10.02 8.18
C TRP A 281 13.11 9.04 8.44
N TRP A 282 13.42 7.87 9.02
CA TRP A 282 12.46 6.79 9.31
C TRP A 282 11.44 7.22 10.38
N ASP A 283 11.70 8.31 11.13
CA ASP A 283 10.70 8.86 12.06
C ASP A 283 9.60 9.51 11.24
N LEU A 284 9.98 10.35 10.25
CA LEU A 284 9.03 10.98 9.34
C LEU A 284 8.32 9.94 8.49
N PHE A 285 9.10 9.00 7.93
CA PHE A 285 8.60 7.94 7.07
C PHE A 285 7.48 7.17 7.78
N MET A 286 7.71 6.73 9.04
CA MET A 286 6.71 6.00 9.82
C MET A 286 5.41 6.80 9.96
N LYS A 287 5.55 8.11 10.18
CA LYS A 287 4.40 8.99 10.33
C LYS A 287 3.60 9.12 9.04
N ILE A 288 4.27 9.05 7.88
CA ILE A 288 3.55 9.17 6.61
C ILE A 288 2.74 7.88 6.38
N CYS A 289 3.30 6.70 6.75
CA CYS A 289 2.62 5.41 6.62
C CYS A 289 1.37 5.39 7.50
N VAL A 290 1.50 5.86 8.75
CA VAL A 290 0.37 5.95 9.67
C VAL A 290 -0.69 6.88 9.05
N PHE A 291 -0.28 8.04 8.49
CA PHE A 291 -1.21 9.00 7.91
C PHE A 291 -1.99 8.42 6.71
N ILE A 292 -1.36 7.60 5.86
CA ILE A 292 -2.09 7.12 4.69
C ILE A 292 -2.93 5.85 5.07
N PHE A 293 -2.43 4.94 5.95
CA PHE A 293 -3.17 3.71 6.28
C PHE A 293 -4.09 3.89 7.51
N ALA A 294 -4.05 5.04 8.21
CA ALA A 294 -4.93 5.24 9.37
C ALA A 294 -5.79 6.51 9.20
N PHE A 295 -5.80 7.08 7.98
CA PHE A 295 -6.60 8.26 7.70
C PHE A 295 -6.95 8.34 6.21
N VAL A 296 -5.95 8.46 5.31
CA VAL A 296 -6.16 8.67 3.86
C VAL A 296 -6.97 7.49 3.24
N ILE A 297 -6.46 6.22 3.27
CA ILE A 297 -7.20 5.12 2.62
C ILE A 297 -8.53 4.88 3.45
N PRO A 298 -8.52 4.99 4.78
CA PRO A 298 -9.82 4.83 5.45
C PRO A 298 -10.86 5.87 4.97
N VAL A 299 -10.62 7.16 5.22
CA VAL A 299 -11.50 8.28 4.85
C VAL A 299 -12.00 8.09 3.41
N LEU A 300 -11.12 7.74 2.48
CA LEU A 300 -11.52 7.55 1.10
C LEU A 300 -12.37 6.29 0.95
N ILE A 301 -12.02 5.15 1.60
CA ILE A 301 -12.84 3.92 1.52
C ILE A 301 -14.26 4.21 2.07
N ILE A 302 -14.34 4.79 3.29
CA ILE A 302 -15.62 5.08 3.94
C ILE A 302 -16.39 6.17 3.14
N ILE A 303 -15.70 7.12 2.45
CA ILE A 303 -16.42 8.12 1.66
C ILE A 303 -16.98 7.43 0.39
N VAL A 304 -16.15 6.70 -0.36
CA VAL A 304 -16.55 6.02 -1.60
C VAL A 304 -17.68 4.99 -1.31
N CYS A 305 -17.54 4.16 -0.27
CA CYS A 305 -18.53 3.13 0.04
C CYS A 305 -19.91 3.74 0.35
N TYR A 306 -20.00 4.71 1.28
CA TYR A 306 -21.30 5.28 1.62
C TYR A 306 -21.87 6.15 0.49
N THR A 307 -21.03 6.87 -0.30
CA THR A 307 -21.54 7.69 -1.40
C THR A 307 -22.19 6.77 -2.45
N LEU A 308 -21.49 5.69 -2.88
CA LEU A 308 -22.01 4.71 -3.84
C LEU A 308 -23.26 4.00 -3.32
N MET A 309 -23.34 3.81 -1.98
CA MET A 309 -24.47 3.18 -1.31
C MET A 309 -25.73 4.04 -1.46
N ILE A 310 -25.63 5.36 -1.20
CA ILE A 310 -26.73 6.32 -1.32
C ILE A 310 -27.12 6.47 -2.80
N LEU A 311 -26.12 6.59 -3.70
CA LEU A 311 -26.34 6.72 -5.14
C LEU A 311 -27.19 5.56 -5.68
N ARG A 312 -26.97 4.33 -5.16
CA ARG A 312 -27.73 3.12 -5.51
C ARG A 312 -29.19 3.26 -5.09
N LEU A 313 -29.43 3.73 -3.85
CA LEU A 313 -30.76 3.89 -3.29
C LEU A 313 -31.49 5.04 -3.99
N LYS A 314 -30.76 6.11 -4.40
CA LYS A 314 -31.36 7.25 -5.11
C LYS A 314 -31.82 6.80 -6.51
N SER A 315 -31.18 5.74 -7.04
CA SER A 315 -31.52 5.15 -8.33
C SER A 315 -32.48 3.94 -8.14
N VAL A 316 -33.61 4.19 -7.44
CA VAL A 316 -34.68 3.19 -7.19
C VAL A 316 -36.03 3.86 -7.52
N ARG A 317 -36.81 3.24 -8.43
CA ARG A 317 -38.12 3.72 -8.88
C ARG A 317 -39.14 2.58 -8.90
N SER A 322 -43.31 6.11 -3.38
CA SER A 322 -42.36 7.16 -3.70
C SER A 322 -41.89 7.90 -2.42
N ARG A 323 -42.76 8.00 -1.40
CA ARG A 323 -42.48 8.69 -0.13
C ARG A 323 -41.58 7.84 0.78
N GLU A 324 -41.72 6.49 0.71
CA GLU A 324 -40.93 5.53 1.52
C GLU A 324 -39.45 5.60 1.15
N LYS A 325 -39.14 5.73 -0.16
CA LYS A 325 -37.77 5.83 -0.67
C LYS A 325 -37.11 7.10 -0.14
N ASP A 326 -37.83 8.24 -0.23
CA ASP A 326 -37.38 9.57 0.21
C ASP A 326 -37.21 9.62 1.74
N ARG A 327 -38.05 8.88 2.50
CA ARG A 327 -38.00 8.81 3.96
C ARG A 327 -36.73 8.09 4.41
N ASN A 328 -36.39 6.96 3.76
CA ASN A 328 -35.16 6.22 4.06
C ASN A 328 -33.95 6.99 3.57
N LEU A 329 -33.97 7.51 2.32
CA LEU A 329 -32.86 8.28 1.73
C LEU A 329 -32.46 9.45 2.64
N ARG A 330 -33.44 10.23 3.15
CA ARG A 330 -33.19 11.35 4.05
C ARG A 330 -32.53 10.88 5.36
N ARG A 331 -33.10 9.84 6.01
CA ARG A 331 -32.61 9.27 7.27
C ARG A 331 -31.19 8.70 7.13
N ILE A 332 -30.92 7.98 6.03
CA ILE A 332 -29.63 7.35 5.77
C ILE A 332 -28.59 8.43 5.43
N THR A 333 -28.92 9.40 4.53
CA THR A 333 -27.99 10.47 4.14
C THR A 333 -27.57 11.27 5.39
N ARG A 334 -28.54 11.64 6.26
CA ARG A 334 -28.26 12.35 7.52
C ARG A 334 -27.29 11.53 8.38
N LEU A 335 -27.55 10.21 8.53
CA LEU A 335 -26.73 9.27 9.31
C LEU A 335 -25.30 9.20 8.72
N VAL A 336 -25.18 9.00 7.39
CA VAL A 336 -23.93 8.91 6.64
C VAL A 336 -23.11 10.19 6.85
N LEU A 337 -23.72 11.37 6.62
CA LEU A 337 -23.06 12.66 6.79
C LEU A 337 -22.44 12.78 8.18
N VAL A 338 -23.21 12.41 9.22
CA VAL A 338 -22.79 12.48 10.63
C VAL A 338 -21.59 11.53 10.89
N VAL A 339 -21.71 10.22 10.58
CA VAL A 339 -20.66 9.22 10.91
C VAL A 339 -19.31 9.65 10.27
N VAL A 340 -19.29 10.13 9.02
CA VAL A 340 -18.02 10.53 8.39
C VAL A 340 -17.62 11.89 8.97
N ALA A 341 -18.58 12.82 9.20
CA ALA A 341 -18.29 14.14 9.77
C ALA A 341 -17.54 14.01 11.08
N VAL A 342 -17.96 13.07 11.95
CA VAL A 342 -17.30 12.79 13.23
C VAL A 342 -15.86 12.27 12.98
N PHE A 343 -15.67 11.36 12.00
CA PHE A 343 -14.36 10.79 11.70
C PHE A 343 -13.42 11.88 11.14
N VAL A 344 -13.94 12.79 10.30
CA VAL A 344 -13.16 13.87 9.69
C VAL A 344 -12.85 14.95 10.74
N VAL A 345 -13.86 15.44 11.47
CA VAL A 345 -13.71 16.50 12.48
C VAL A 345 -12.70 16.05 13.57
N CYS A 346 -12.66 14.76 13.94
CA CYS A 346 -11.84 14.27 15.03
C CYS A 346 -10.39 13.88 14.58
N TRP A 347 -10.21 13.23 13.41
CA TRP A 347 -8.87 12.76 13.04
C TRP A 347 -8.06 13.76 12.20
N THR A 348 -8.71 14.54 11.31
CA THR A 348 -8.03 15.52 10.43
C THR A 348 -7.14 16.51 11.25
N PRO A 349 -7.55 17.06 12.44
CA PRO A 349 -6.68 18.04 13.11
C PRO A 349 -5.36 17.46 13.59
N ILE A 350 -5.39 16.29 14.27
CA ILE A 350 -4.22 15.72 14.89
C ILE A 350 -3.31 15.05 13.82
N HIS A 351 -3.87 14.40 12.76
CA HIS A 351 -3.04 13.81 11.70
C HIS A 351 -2.20 14.88 11.01
N ILE A 352 -2.82 16.03 10.67
CA ILE A 352 -2.17 17.16 10.02
C ILE A 352 -1.15 17.79 11.00
N PHE A 353 -1.53 17.96 12.28
CA PHE A 353 -0.65 18.58 13.28
C PHE A 353 0.66 17.78 13.41
N ILE A 354 0.54 16.43 13.59
CA ILE A 354 1.68 15.51 13.71
C ILE A 354 2.56 15.60 12.45
N LEU A 355 1.92 15.53 11.25
CA LEU A 355 2.58 15.53 9.94
C LEU A 355 3.34 16.84 9.69
N VAL A 356 2.73 18.00 10.03
CA VAL A 356 3.35 19.33 9.86
C VAL A 356 4.50 19.51 10.89
N GLU A 357 4.30 19.10 12.16
CA GLU A 357 5.36 19.21 13.18
C GLU A 357 6.59 18.38 12.74
N ALA A 358 6.36 17.22 12.11
CA ALA A 358 7.40 16.32 11.62
C ALA A 358 8.12 16.90 10.39
N LEU A 359 7.41 17.67 9.52
CA LEU A 359 7.99 18.30 8.33
C LEU A 359 8.71 19.60 8.68
N GLY A 360 8.29 20.28 9.75
CA GLY A 360 8.87 21.54 10.19
C GLY A 360 10.03 21.36 11.15
N THR A 362 7.83 22.20 13.81
CA THR A 362 7.14 23.47 13.69
C THR A 362 7.56 24.39 14.82
N SER A 363 6.68 24.56 15.79
CA SER A 363 6.96 25.42 16.93
C SER A 363 6.69 24.66 18.20
N HIS A 364 7.29 25.11 19.30
CA HIS A 364 7.04 24.48 20.58
C HIS A 364 6.70 25.60 21.55
N SER A 365 5.53 26.21 21.35
CA SER A 365 5.05 27.31 22.17
C SER A 365 4.18 26.78 23.28
N THR A 366 3.39 27.64 23.90
CA THR A 366 2.57 27.15 25.00
C THR A 366 1.24 26.86 24.35
N ALA A 367 0.83 27.82 23.52
CA ALA A 367 -0.40 27.72 22.74
C ALA A 367 -0.31 26.56 21.74
N ALA A 368 0.88 26.36 21.13
CA ALA A 368 1.15 25.26 20.18
C ALA A 368 1.09 23.90 20.89
N LEU A 369 1.52 23.84 22.16
CA LEU A 369 1.48 22.61 22.95
C LEU A 369 0.03 22.34 23.40
N SER A 370 -0.71 23.40 23.77
CA SER A 370 -2.11 23.36 24.19
C SER A 370 -3.00 22.91 23.05
N SER A 371 -2.79 23.48 21.85
CA SER A 371 -3.55 23.14 20.66
C SER A 371 -3.32 21.67 20.26
N TYR A 372 -2.05 21.17 20.40
CA TYR A 372 -1.71 19.76 20.09
C TYR A 372 -2.52 18.78 20.95
N TYR A 373 -2.54 18.99 22.29
CA TYR A 373 -3.24 18.09 23.18
C TYR A 373 -4.76 18.31 23.07
N PHE A 374 -5.21 19.44 22.51
CA PHE A 374 -6.63 19.61 22.23
C PHE A 374 -6.98 18.71 21.03
N CYS A 375 -6.07 18.64 20.02
CA CYS A 375 -6.21 17.80 18.82
C CYS A 375 -6.12 16.33 19.20
N ILE A 376 -5.28 15.99 20.21
CA ILE A 376 -5.14 14.64 20.77
C ILE A 376 -6.50 14.23 21.35
N ALA A 377 -7.14 15.13 22.14
CA ALA A 377 -8.44 14.92 22.78
C ALA A 377 -9.52 14.63 21.72
N LEU A 378 -9.47 15.33 20.56
CA LEU A 378 -10.41 15.15 19.43
C LEU A 378 -10.30 13.72 18.85
N GLY A 379 -9.08 13.19 18.76
CA GLY A 379 -8.87 11.81 18.30
C GLY A 379 -9.53 10.81 19.22
N TYR A 380 -9.44 11.04 20.55
CA TYR A 380 -10.08 10.20 21.56
C TYR A 380 -11.59 10.39 21.56
N THR A 381 -12.09 11.57 21.10
CA THR A 381 -13.52 11.92 21.03
C THR A 381 -14.24 10.99 20.03
N ASN A 382 -13.58 10.66 18.89
CA ASN A 382 -14.12 9.74 17.88
C ASN A 382 -14.51 8.42 18.54
N SER A 383 -13.60 7.88 19.36
CA SER A 383 -13.73 6.64 20.13
C SER A 383 -14.85 6.73 21.16
N SER A 384 -15.08 7.92 21.72
CA SER A 384 -16.10 8.16 22.74
C SER A 384 -17.48 8.37 22.11
N LEU A 385 -17.53 8.86 20.87
CA LEU A 385 -18.79 9.12 20.17
C LEU A 385 -19.28 7.88 19.44
N ASN A 386 -18.36 6.97 19.01
CA ASN A 386 -18.70 5.73 18.30
C ASN A 386 -19.80 4.93 19.03
N PRO A 387 -19.76 4.68 20.38
CA PRO A 387 -20.85 3.92 21.01
C PRO A 387 -22.23 4.59 20.77
N ILE A 388 -22.30 5.93 20.81
CA ILE A 388 -23.55 6.66 20.58
C ILE A 388 -23.90 6.69 19.08
N LEU A 389 -22.90 6.95 18.21
CA LEU A 389 -23.07 7.09 16.76
C LEU A 389 -23.42 5.76 16.04
N TYR A 390 -22.91 4.60 16.51
CA TYR A 390 -23.14 3.32 15.83
C TYR A 390 -24.03 2.35 16.63
N ALA A 391 -23.90 2.27 17.98
CA ALA A 391 -24.69 1.31 18.76
C ALA A 391 -25.96 1.94 19.34
N PHE A 392 -25.86 3.13 20.00
CA PHE A 392 -27.04 3.79 20.59
C PHE A 392 -27.83 4.58 19.52
N LEU A 393 -27.62 4.22 18.23
CA LEU A 393 -28.34 4.72 17.06
C LEU A 393 -28.71 3.53 16.16
N ASP A 394 -28.20 2.30 16.50
CA ASP A 394 -28.55 1.06 15.80
C ASP A 394 -30.01 0.70 16.10
N GLU A 395 -30.82 0.50 15.05
CA GLU A 395 -32.25 0.22 15.16
C GLU A 395 -32.48 -1.18 15.80
N ASN A 396 -31.45 -2.07 15.75
CA ASN A 396 -31.50 -3.43 16.30
C ASN A 396 -30.90 -3.51 17.74
N PHE A 397 -29.89 -2.65 18.06
CA PHE A 397 -29.23 -2.65 19.39
C PHE A 397 -30.17 -2.02 20.46
N LYS A 398 -30.99 -1.00 20.09
CA LYS A 398 -31.96 -0.33 20.99
C LYS A 398 -33.00 -1.33 21.52
N ARG A 399 -33.63 -2.10 20.60
CA ARG A 399 -34.64 -3.11 20.92
C ARG A 399 -34.01 -4.35 21.55
N ILE B 114 -17.27 2.79 -44.29
CA ILE B 114 -15.84 2.87 -44.56
C ILE B 114 -15.09 3.19 -43.26
N SER B 115 -14.17 2.30 -42.84
CA SER B 115 -13.39 2.46 -41.62
C SER B 115 -12.08 3.24 -41.86
N PRO B 116 -11.64 4.14 -40.94
CA PRO B 116 -10.38 4.86 -41.15
C PRO B 116 -9.19 3.91 -41.01
N ALA B 117 -8.06 4.25 -41.69
CA ALA B 117 -6.84 3.42 -41.72
C ALA B 117 -6.06 3.45 -40.37
N ILE B 118 -6.78 3.61 -39.25
CA ILE B 118 -6.19 3.62 -37.91
C ILE B 118 -5.50 2.26 -37.61
N PRO B 119 -6.09 1.06 -37.95
CA PRO B 119 -5.39 -0.21 -37.64
C PRO B 119 -4.03 -0.33 -38.35
N VAL B 120 -3.91 0.25 -39.56
CA VAL B 120 -2.66 0.25 -40.32
C VAL B 120 -1.62 1.09 -39.57
N ILE B 121 -2.04 2.28 -39.07
CA ILE B 121 -1.15 3.18 -38.31
C ILE B 121 -0.68 2.47 -37.04
N ILE B 122 -1.60 1.74 -36.35
CA ILE B 122 -1.32 0.99 -35.13
C ILE B 122 -0.29 -0.13 -35.47
N THR B 123 -0.41 -0.79 -36.64
CA THR B 123 0.52 -1.84 -37.03
C THR B 123 1.89 -1.20 -37.33
N ALA B 124 1.91 0.08 -37.77
CA ALA B 124 3.16 0.80 -38.07
C ALA B 124 3.89 1.21 -36.79
N VAL B 125 3.17 1.70 -35.76
CA VAL B 125 3.83 2.13 -34.52
C VAL B 125 4.40 0.88 -33.85
N TYR B 126 3.59 -0.20 -33.73
CA TYR B 126 4.01 -1.48 -33.17
C TYR B 126 5.32 -1.97 -33.82
N SER B 127 5.44 -1.86 -35.16
CA SER B 127 6.63 -2.28 -35.89
C SER B 127 7.86 -1.49 -35.42
N VAL B 128 7.71 -0.16 -35.25
CA VAL B 128 8.80 0.72 -34.83
C VAL B 128 9.21 0.35 -33.39
N VAL B 129 8.26 0.44 -32.43
CA VAL B 129 8.45 0.15 -31.00
C VAL B 129 9.06 -1.28 -30.81
N PHE B 130 8.59 -2.27 -31.59
CA PHE B 130 9.08 -3.65 -31.49
C PHE B 130 10.58 -3.74 -31.90
N VAL B 131 10.91 -3.28 -33.12
CA VAL B 131 12.29 -3.35 -33.64
C VAL B 131 13.22 -2.45 -32.78
N VAL B 132 12.86 -1.16 -32.56
CA VAL B 132 13.66 -0.22 -31.75
C VAL B 132 13.98 -0.87 -30.39
N GLY B 133 12.96 -1.43 -29.74
CA GLY B 133 13.08 -2.07 -28.43
C GLY B 133 13.83 -3.40 -28.40
N LEU B 134 13.67 -4.21 -29.44
CA LEU B 134 14.34 -5.51 -29.50
C LEU B 134 15.83 -5.30 -29.88
N VAL B 135 16.13 -4.41 -30.85
CA VAL B 135 17.51 -4.10 -31.28
C VAL B 135 18.25 -3.35 -30.16
N GLY B 136 17.61 -2.30 -29.63
CA GLY B 136 18.16 -1.45 -28.58
C GLY B 136 18.64 -2.21 -27.37
N ASN B 137 17.74 -3.00 -26.76
CA ASN B 137 18.03 -3.79 -25.55
C ASN B 137 18.98 -4.95 -25.85
N SER B 138 18.96 -5.49 -27.08
CA SER B 138 19.91 -6.55 -27.44
C SER B 138 21.32 -5.96 -27.62
N LEU B 139 21.39 -4.68 -28.05
CA LEU B 139 22.64 -3.97 -28.26
C LEU B 139 23.30 -3.68 -26.90
N VAL B 140 22.51 -3.23 -25.90
CA VAL B 140 22.96 -2.90 -24.54
C VAL B 140 23.59 -4.12 -23.88
N MET B 141 22.87 -5.27 -23.87
CA MET B 141 23.35 -6.52 -23.29
C MET B 141 24.66 -6.97 -23.94
N PHE B 142 24.74 -6.89 -25.29
CA PHE B 142 25.95 -7.26 -26.05
C PHE B 142 27.18 -6.48 -25.56
N VAL B 143 27.04 -5.15 -25.40
CA VAL B 143 28.12 -4.27 -24.95
C VAL B 143 28.58 -4.69 -23.54
N ILE B 144 27.64 -4.93 -22.61
CA ILE B 144 27.93 -5.30 -21.22
C ILE B 144 28.60 -6.70 -21.17
N ILE B 145 28.12 -7.69 -21.95
CA ILE B 145 28.68 -9.04 -21.94
C ILE B 145 30.11 -9.05 -22.55
N ARG B 146 30.31 -8.37 -23.69
CA ARG B 146 31.60 -8.40 -24.41
C ARG B 146 32.61 -7.32 -23.97
N TYR B 147 32.20 -6.25 -23.25
CA TYR B 147 33.17 -5.19 -22.94
C TYR B 147 33.19 -4.78 -21.46
N THR B 148 32.01 -4.56 -20.83
CA THR B 148 31.93 -4.09 -19.44
C THR B 148 32.15 -5.21 -18.40
N LYS B 149 31.79 -6.47 -18.76
CA LYS B 149 31.88 -7.70 -17.93
C LYS B 149 31.00 -7.59 -16.62
N MET B 150 30.26 -6.50 -16.50
CA MET B 150 29.37 -6.27 -15.36
C MET B 150 29.96 -6.65 -14.00
N LYS B 151 31.13 -6.10 -13.68
CA LYS B 151 31.75 -6.37 -12.38
C LYS B 151 31.24 -5.36 -11.32
N THR B 152 30.75 -4.18 -11.79
CA THR B 152 30.19 -3.11 -10.96
C THR B 152 28.69 -3.32 -10.77
N ALA B 153 28.13 -2.76 -9.68
CA ALA B 153 26.70 -2.83 -9.35
C ALA B 153 25.86 -2.08 -10.37
N THR B 154 26.39 -0.96 -10.91
CA THR B 154 25.75 -0.09 -11.91
C THR B 154 25.35 -0.91 -13.14
N ASN B 155 26.34 -1.58 -13.79
CA ASN B 155 26.17 -2.40 -14.98
C ASN B 155 25.24 -3.59 -14.75
N ILE B 156 25.23 -4.14 -13.51
CA ILE B 156 24.35 -5.25 -13.13
C ILE B 156 22.90 -4.80 -13.32
N TYR B 157 22.54 -3.60 -12.82
CA TYR B 157 21.20 -3.03 -13.01
C TYR B 157 20.88 -2.83 -14.50
N ILE B 158 21.83 -2.19 -15.23
CA ILE B 158 21.70 -1.85 -16.66
C ILE B 158 21.42 -3.12 -17.48
N PHE B 159 22.12 -4.24 -17.16
CA PHE B 159 21.94 -5.51 -17.86
C PHE B 159 20.55 -6.10 -17.59
N ASN B 160 20.16 -6.21 -16.30
CA ASN B 160 18.89 -6.81 -15.89
C ASN B 160 17.70 -5.98 -16.41
N LEU B 161 17.85 -4.65 -16.51
CA LEU B 161 16.81 -3.78 -17.10
C LEU B 161 16.69 -4.07 -18.60
N ALA B 162 17.85 -4.12 -19.30
CA ALA B 162 17.93 -4.37 -20.74
C ALA B 162 17.34 -5.76 -21.07
N LEU B 163 17.65 -6.78 -20.24
CA LEU B 163 17.17 -8.16 -20.40
C LEU B 163 15.64 -8.23 -20.21
N ALA B 164 15.10 -7.50 -19.20
CA ALA B 164 13.66 -7.44 -18.91
C ALA B 164 12.91 -6.74 -20.05
N ASP B 165 13.46 -5.62 -20.55
CA ASP B 165 12.86 -4.86 -21.64
C ASP B 165 12.99 -5.59 -22.97
N ALA B 166 13.99 -6.46 -23.11
CA ALA B 166 14.19 -7.25 -24.32
C ALA B 166 13.14 -8.34 -24.44
N LEU B 167 12.70 -8.89 -23.30
CA LEU B 167 11.73 -9.97 -23.33
C LEU B 167 10.30 -9.44 -23.33
N VAL B 168 10.08 -8.19 -22.87
CA VAL B 168 8.72 -7.66 -22.88
C VAL B 168 8.32 -7.34 -24.31
N THR B 169 9.27 -6.88 -25.15
CA THR B 169 8.98 -6.55 -26.55
C THR B 169 8.72 -7.82 -27.36
N THR B 170 9.21 -8.98 -26.87
CA THR B 170 9.03 -10.30 -27.48
C THR B 170 7.53 -10.64 -27.57
N THR B 171 6.75 -10.22 -26.57
CA THR B 171 5.30 -10.48 -26.49
C THR B 171 4.50 -9.54 -27.42
N MET B 172 5.06 -8.35 -27.74
CA MET B 172 4.43 -7.28 -28.50
C MET B 172 3.81 -7.76 -29.86
N PRO B 173 4.48 -8.63 -30.63
CA PRO B 173 3.87 -9.10 -31.89
C PRO B 173 2.51 -9.80 -31.70
N PHE B 174 2.30 -10.40 -30.54
CA PHE B 174 1.07 -11.14 -30.18
C PHE B 174 -0.08 -10.16 -29.96
N GLN B 175 0.19 -9.00 -29.30
CA GLN B 175 -0.81 -7.95 -29.07
C GLN B 175 -1.30 -7.36 -30.39
N SER B 176 -0.34 -7.12 -31.31
CA SER B 176 -0.59 -6.58 -32.65
C SER B 176 -1.56 -7.49 -33.43
N THR B 177 -1.26 -8.81 -33.51
CA THR B 177 -2.08 -9.79 -34.26
C THR B 177 -3.48 -9.97 -33.63
N VAL B 178 -3.57 -10.08 -32.29
CA VAL B 178 -4.84 -10.27 -31.58
C VAL B 178 -5.78 -9.07 -31.87
N TYR B 179 -5.23 -7.84 -31.91
CA TYR B 179 -6.02 -6.65 -32.20
C TYR B 179 -6.68 -6.76 -33.58
N LEU B 180 -5.90 -7.12 -34.60
CA LEU B 180 -6.33 -7.18 -35.99
C LEU B 180 -7.18 -8.42 -36.26
N MET B 181 -6.75 -9.62 -35.80
CA MET B 181 -7.53 -10.85 -36.01
C MET B 181 -8.81 -10.86 -35.18
N ASN B 182 -8.75 -10.31 -33.95
CA ASN B 182 -9.83 -10.22 -32.96
C ASN B 182 -10.22 -11.65 -32.50
N SER B 183 -9.18 -12.48 -32.17
CA SER B 183 -9.26 -13.87 -31.67
C SER B 183 -7.89 -14.45 -31.33
N TRP B 184 -7.84 -15.39 -30.37
CA TRP B 184 -6.63 -16.12 -30.01
C TRP B 184 -6.80 -17.59 -30.43
N PRO B 185 -6.36 -17.98 -31.64
CA PRO B 185 -6.57 -19.37 -32.08
C PRO B 185 -5.36 -20.28 -31.82
N PHE B 186 -4.40 -19.83 -30.99
CA PHE B 186 -3.14 -20.53 -30.80
C PHE B 186 -3.14 -21.41 -29.52
N GLY B 187 -4.32 -21.76 -29.01
CA GLY B 187 -4.47 -22.63 -27.85
C GLY B 187 -4.11 -22.04 -26.50
N ASP B 188 -4.32 -22.82 -25.42
CA ASP B 188 -4.04 -22.38 -24.05
C ASP B 188 -2.56 -22.48 -23.72
N VAL B 189 -1.85 -23.46 -24.32
CA VAL B 189 -0.42 -23.72 -24.10
C VAL B 189 0.40 -22.45 -24.44
N LEU B 190 0.19 -21.84 -25.61
CA LEU B 190 0.91 -20.63 -25.99
C LEU B 190 0.42 -19.45 -25.15
N CYS B 191 -0.90 -19.38 -24.90
CA CYS B 191 -1.56 -18.36 -24.08
C CYS B 191 -0.85 -18.23 -22.72
N LYS B 192 -0.71 -19.35 -21.99
CA LYS B 192 -0.05 -19.43 -20.69
C LYS B 192 1.39 -18.93 -20.77
N ILE B 193 2.12 -19.26 -21.87
CA ILE B 193 3.52 -18.87 -22.06
C ILE B 193 3.62 -17.35 -22.30
N VAL B 194 2.89 -16.84 -23.32
CA VAL B 194 2.89 -15.44 -23.73
C VAL B 194 2.42 -14.52 -22.58
N LEU B 195 1.36 -14.90 -21.82
CA LEU B 195 0.90 -14.09 -20.69
C LEU B 195 1.97 -14.00 -19.58
N SER B 196 2.58 -15.16 -19.20
CA SER B 196 3.60 -15.28 -18.16
C SER B 196 4.77 -14.37 -18.43
N ILE B 197 5.26 -14.34 -19.68
CA ILE B 197 6.39 -13.53 -20.13
C ILE B 197 6.00 -12.02 -20.05
N ASP B 198 4.78 -11.67 -20.50
CA ASP B 198 4.27 -10.31 -20.52
C ASP B 198 4.25 -9.72 -19.09
N TYR B 199 3.64 -10.46 -18.11
CA TYR B 199 3.54 -10.06 -16.69
C TYR B 199 4.89 -10.07 -15.96
N TYR B 200 5.58 -11.25 -15.92
CA TYR B 200 6.84 -11.44 -15.21
C TYR B 200 7.81 -10.29 -15.48
N ASN B 201 8.15 -10.05 -16.76
CA ASN B 201 9.11 -9.03 -17.14
C ASN B 201 8.51 -7.60 -17.02
N MET B 202 7.18 -7.43 -16.84
CA MET B 202 6.63 -6.09 -16.61
C MET B 202 7.11 -5.59 -15.27
N PHE B 203 6.97 -6.43 -14.22
CA PHE B 203 7.43 -6.13 -12.86
C PHE B 203 8.96 -6.11 -12.81
N THR B 204 9.65 -7.03 -13.52
CA THR B 204 11.11 -7.10 -13.56
C THR B 204 11.65 -5.80 -14.19
N SER B 205 10.96 -5.27 -15.24
CA SER B 205 11.34 -4.00 -15.87
C SER B 205 11.15 -2.80 -14.90
N ILE B 206 9.94 -2.69 -14.31
CA ILE B 206 9.55 -1.58 -13.44
C ILE B 206 10.28 -1.65 -12.07
N PHE B 207 10.44 -2.83 -11.44
CA PHE B 207 11.12 -2.90 -10.14
C PHE B 207 12.65 -2.65 -10.26
N THR B 208 13.29 -3.06 -11.39
CA THR B 208 14.72 -2.79 -11.59
C THR B 208 14.90 -1.27 -11.75
N LEU B 209 14.02 -0.66 -12.55
CA LEU B 209 13.95 0.76 -12.87
C LEU B 209 13.78 1.62 -11.60
N THR B 210 13.01 1.10 -10.63
CA THR B 210 12.70 1.76 -9.36
C THR B 210 13.89 1.61 -8.40
N MET B 211 14.55 0.43 -8.36
CA MET B 211 15.70 0.21 -7.49
C MET B 211 16.88 1.04 -7.98
N MET B 212 16.89 1.44 -9.26
CA MET B 212 17.87 2.35 -9.84
C MET B 212 17.71 3.73 -9.23
N SER B 213 16.45 4.11 -9.00
CA SER B 213 16.04 5.36 -8.38
C SER B 213 16.46 5.37 -6.91
N VAL B 214 16.21 4.23 -6.19
CA VAL B 214 16.54 4.03 -4.78
C VAL B 214 18.07 4.03 -4.60
N ASP B 215 18.80 3.38 -5.54
CA ASP B 215 20.26 3.30 -5.51
C ASP B 215 20.87 4.70 -5.64
N ARG B 216 20.38 5.51 -6.63
CA ARG B 216 20.80 6.90 -6.87
C ARG B 216 20.41 7.80 -5.69
N TYR B 217 19.26 7.49 -5.03
CA TYR B 217 18.78 8.23 -3.86
C TYR B 217 19.71 8.03 -2.65
N ILE B 218 20.01 6.76 -2.32
CA ILE B 218 20.88 6.40 -1.21
C ILE B 218 22.29 6.97 -1.47
N ALA B 219 22.74 6.93 -2.73
CA ALA B 219 24.04 7.45 -3.16
C ALA B 219 24.28 8.91 -2.70
N VAL B 220 23.23 9.74 -2.75
CA VAL B 220 23.33 11.17 -2.47
C VAL B 220 22.89 11.51 -1.03
N CYS B 221 21.79 10.89 -0.55
CA CYS B 221 21.18 11.22 0.73
C CYS B 221 21.73 10.35 1.88
N HIS B 222 22.14 9.11 1.62
CA HIS B 222 22.69 8.24 2.67
C HIS B 222 24.09 7.75 2.25
N PRO B 223 25.11 8.65 2.23
CA PRO B 223 26.43 8.26 1.68
C PRO B 223 27.12 7.15 2.47
N VAL B 224 26.89 7.04 3.79
CA VAL B 224 27.52 6.01 4.59
C VAL B 224 26.84 4.64 4.29
N LYS B 225 25.51 4.66 4.00
CA LYS B 225 24.77 3.45 3.63
C LYS B 225 25.10 3.05 2.22
N ALA B 226 25.43 4.04 1.36
CA ALA B 226 25.79 3.82 -0.04
C ALA B 226 26.98 2.85 -0.16
N LEU B 227 27.92 2.92 0.79
CA LEU B 227 29.09 2.04 0.87
C LEU B 227 28.67 0.58 1.12
N ASP B 228 27.61 0.41 1.90
CA ASP B 228 27.09 -0.91 2.27
C ASP B 228 25.91 -1.36 1.43
N PHE B 229 25.55 -0.59 0.42
CA PHE B 229 24.38 -0.85 -0.41
C PHE B 229 24.68 -0.87 -1.93
N ARG B 230 25.68 -0.10 -2.38
CA ARG B 230 25.94 0.00 -3.82
C ARG B 230 27.12 -0.94 -4.25
N THR B 231 27.15 -2.15 -3.66
CA THR B 231 28.16 -3.18 -3.95
C THR B 231 27.64 -4.13 -5.05
N PRO B 232 28.54 -4.83 -5.82
CA PRO B 232 28.03 -5.77 -6.85
C PRO B 232 27.13 -6.86 -6.23
N LEU B 233 27.45 -7.33 -5.01
CA LEU B 233 26.67 -8.32 -4.27
C LEU B 233 25.25 -7.83 -4.01
N LYS B 234 25.11 -6.62 -3.42
CA LYS B 234 23.82 -5.99 -3.06
C LYS B 234 22.92 -5.84 -4.30
N ALA B 235 23.50 -5.37 -5.44
CA ALA B 235 22.76 -5.22 -6.71
C ALA B 235 22.17 -6.57 -7.15
N LYS B 236 23.00 -7.65 -7.10
CA LYS B 236 22.63 -9.02 -7.45
C LYS B 236 21.51 -9.52 -6.55
N ILE B 237 21.62 -9.33 -5.21
CA ILE B 237 20.62 -9.71 -4.22
C ILE B 237 19.28 -9.01 -4.52
N ILE B 238 19.33 -7.69 -4.79
CA ILE B 238 18.15 -6.88 -5.12
C ILE B 238 17.43 -7.49 -6.36
N ASN B 239 18.19 -7.88 -7.40
CA ASN B 239 17.60 -8.51 -8.59
C ASN B 239 17.11 -9.92 -8.27
N ILE B 240 17.75 -10.65 -7.32
CA ILE B 240 17.29 -11.98 -6.89
C ILE B 240 15.91 -11.84 -6.23
N CYS B 241 15.68 -10.71 -5.50
CA CYS B 241 14.41 -10.39 -4.84
C CYS B 241 13.37 -10.01 -5.90
N ILE B 242 13.77 -9.23 -6.94
CA ILE B 242 12.90 -8.81 -8.04
C ILE B 242 12.47 -10.06 -8.84
N TRP B 243 13.41 -11.02 -8.99
CA TRP B 243 13.17 -12.31 -9.65
C TRP B 243 12.06 -13.06 -8.92
N LEU B 244 12.12 -13.11 -7.57
CA LEU B 244 11.15 -13.78 -6.71
C LEU B 244 9.76 -13.12 -6.77
N LEU B 245 9.70 -11.76 -6.60
CA LEU B 245 8.45 -11.00 -6.62
C LEU B 245 7.74 -11.13 -7.98
N SER B 246 8.52 -11.17 -9.07
CA SER B 246 7.98 -11.31 -10.42
C SER B 246 7.53 -12.74 -10.69
N SER B 247 8.36 -13.76 -10.27
CA SER B 247 8.06 -15.17 -10.48
C SER B 247 6.74 -15.56 -9.81
N SER B 248 6.32 -14.81 -8.76
CA SER B 248 5.04 -15.06 -8.09
C SER B 248 3.90 -14.81 -9.10
N VAL B 249 3.98 -13.69 -9.85
CA VAL B 249 2.99 -13.31 -10.86
C VAL B 249 3.17 -14.22 -12.09
N GLY B 250 4.41 -14.61 -12.36
CA GLY B 250 4.78 -15.50 -13.47
C GLY B 250 4.17 -16.88 -13.36
N ILE B 251 4.27 -17.51 -12.17
CA ILE B 251 3.70 -18.83 -11.87
C ILE B 251 2.17 -18.71 -11.88
N SER B 252 1.63 -17.55 -11.40
CA SER B 252 0.20 -17.24 -11.37
C SER B 252 -0.36 -17.16 -12.78
N ALA B 253 0.44 -16.64 -13.73
CA ALA B 253 0.03 -16.50 -15.12
C ALA B 253 0.08 -17.85 -15.84
N ILE B 254 0.99 -18.75 -15.43
CA ILE B 254 1.12 -20.10 -16.02
C ILE B 254 -0.06 -20.97 -15.56
N VAL B 255 -0.45 -20.86 -14.29
CA VAL B 255 -1.50 -21.71 -13.74
C VAL B 255 -2.91 -21.14 -14.12
N LEU B 256 -3.11 -19.80 -14.06
CA LEU B 256 -4.42 -19.18 -14.29
C LEU B 256 -4.68 -18.80 -15.75
N GLY B 257 -3.62 -18.58 -16.52
CA GLY B 257 -3.73 -18.21 -17.93
C GLY B 257 -4.48 -19.25 -18.76
N GLY B 258 -5.29 -18.79 -19.69
CA GLY B 258 -6.08 -19.67 -20.55
C GLY B 258 -6.97 -18.96 -21.55
N THR B 259 -7.73 -19.74 -22.33
CA THR B 259 -8.64 -19.18 -23.33
C THR B 259 -10.10 -19.30 -22.84
N LYS B 260 -10.95 -18.40 -23.36
CA LYS B 260 -12.38 -18.30 -23.06
C LYS B 260 -13.18 -17.94 -24.34
N VAL B 261 -14.32 -18.61 -24.57
CA VAL B 261 -15.17 -18.34 -25.73
C VAL B 261 -16.43 -17.58 -25.29
N VAL B 267 -15.17 -14.66 -31.03
CA VAL B 267 -13.96 -13.97 -30.62
C VAL B 267 -13.37 -14.64 -29.37
N ILE B 268 -12.52 -15.67 -29.58
CA ILE B 268 -11.85 -16.44 -28.52
C ILE B 268 -10.75 -15.52 -27.89
N GLU B 269 -10.73 -15.45 -26.55
CA GLU B 269 -9.89 -14.56 -25.76
C GLU B 269 -8.86 -15.30 -24.90
N CYS B 270 -7.62 -14.76 -24.86
CA CYS B 270 -6.51 -15.22 -24.02
C CYS B 270 -6.34 -14.26 -22.85
N SER B 271 -6.53 -14.75 -21.60
CA SER B 271 -6.45 -13.96 -20.35
C SER B 271 -6.30 -14.84 -19.13
N LEU B 272 -6.07 -14.23 -17.94
CA LEU B 272 -6.06 -14.94 -16.67
C LEU B 272 -7.48 -15.37 -16.35
N GLN B 273 -7.73 -16.68 -16.34
CA GLN B 273 -9.07 -17.23 -16.14
C GLN B 273 -9.30 -17.51 -14.66
N PHE B 274 -10.40 -16.96 -14.11
CA PHE B 274 -10.80 -17.11 -12.70
C PHE B 274 -12.18 -17.78 -12.60
N PRO B 275 -12.49 -18.54 -11.51
CA PRO B 275 -13.80 -19.21 -11.43
C PRO B 275 -14.96 -18.21 -11.33
N ASP B 276 -16.01 -18.42 -12.13
CA ASP B 276 -17.19 -17.55 -12.20
C ASP B 276 -18.22 -17.88 -11.05
N ASP B 277 -17.81 -17.63 -9.79
CA ASP B 277 -18.65 -17.84 -8.61
C ASP B 277 -19.45 -16.57 -8.31
N ASP B 278 -20.45 -16.68 -7.40
CA ASP B 278 -21.36 -15.59 -6.98
C ASP B 278 -20.57 -14.44 -6.31
N TYR B 279 -19.87 -14.70 -5.16
CA TYR B 279 -18.97 -13.71 -4.57
C TYR B 279 -17.54 -14.09 -4.93
N SER B 280 -17.09 -13.57 -6.07
CA SER B 280 -15.76 -13.77 -6.62
C SER B 280 -15.48 -12.64 -7.60
N TRP B 281 -14.67 -11.69 -7.14
CA TRP B 281 -14.23 -10.46 -7.81
C TRP B 281 -12.71 -10.48 -8.00
N TRP B 282 -12.11 -11.69 -7.98
CA TRP B 282 -10.66 -11.92 -8.06
C TRP B 282 -10.09 -11.47 -9.43
N ASP B 283 -10.96 -11.22 -10.41
CA ASP B 283 -10.51 -10.69 -11.69
C ASP B 283 -10.13 -9.23 -11.46
N LEU B 284 -11.05 -8.48 -10.85
CA LEU B 284 -10.88 -7.08 -10.50
C LEU B 284 -9.76 -6.93 -9.48
N PHE B 285 -9.76 -7.78 -8.42
CA PHE B 285 -8.78 -7.75 -7.34
C PHE B 285 -7.33 -7.84 -7.87
N MET B 286 -7.05 -8.76 -8.82
CA MET B 286 -5.69 -8.90 -9.38
C MET B 286 -5.31 -7.64 -10.15
N LYS B 287 -6.29 -7.01 -10.78
CA LYS B 287 -6.06 -5.77 -11.51
C LYS B 287 -5.75 -4.60 -10.57
N ILE B 288 -6.40 -4.58 -9.40
CA ILE B 288 -6.17 -3.50 -8.43
C ILE B 288 -4.73 -3.61 -7.89
N CYS B 289 -4.31 -4.86 -7.55
CA CYS B 289 -2.97 -5.18 -7.03
C CYS B 289 -1.90 -4.80 -8.04
N VAL B 290 -2.12 -5.12 -9.34
CA VAL B 290 -1.16 -4.75 -10.38
C VAL B 290 -1.11 -3.21 -10.46
N PHE B 291 -2.27 -2.53 -10.37
CA PHE B 291 -2.28 -1.07 -10.46
C PHE B 291 -1.47 -0.40 -9.32
N ILE B 292 -1.45 -0.97 -8.11
CA ILE B 292 -0.73 -0.30 -7.03
C ILE B 292 0.76 -0.77 -6.98
N PHE B 293 1.06 -2.07 -7.24
CA PHE B 293 2.44 -2.58 -7.16
C PHE B 293 3.19 -2.50 -8.51
N ALA B 294 2.51 -2.14 -9.61
CA ALA B 294 3.20 -2.00 -10.89
C ALA B 294 3.19 -0.55 -11.34
N PHE B 295 2.33 0.28 -10.73
CA PHE B 295 2.25 1.69 -11.11
C PHE B 295 2.34 2.69 -9.94
N VAL B 296 1.33 2.69 -9.09
CA VAL B 296 1.23 3.62 -7.96
C VAL B 296 2.42 3.69 -6.94
N ILE B 297 2.77 2.56 -6.26
CA ILE B 297 3.94 2.47 -5.36
C ILE B 297 5.25 2.78 -6.17
N PRO B 298 5.58 2.11 -7.32
CA PRO B 298 6.81 2.48 -8.05
C PRO B 298 6.88 3.96 -8.42
N VAL B 299 5.83 4.55 -9.09
CA VAL B 299 5.76 5.98 -9.48
C VAL B 299 6.10 6.86 -8.27
N LEU B 300 5.43 6.62 -7.14
CA LEU B 300 5.66 7.38 -5.91
C LEU B 300 7.13 7.27 -5.50
N ILE B 301 7.71 6.05 -5.51
CA ILE B 301 9.10 5.85 -5.11
C ILE B 301 10.05 6.59 -6.09
N ILE B 302 9.90 6.42 -7.44
CA ILE B 302 10.80 7.08 -8.40
C ILE B 302 10.65 8.63 -8.31
N ILE B 303 9.45 9.14 -7.91
CA ILE B 303 9.24 10.59 -7.75
C ILE B 303 9.91 11.04 -6.44
N VAL B 304 9.54 10.44 -5.29
CA VAL B 304 10.07 10.78 -3.96
C VAL B 304 11.61 10.67 -3.95
N CYS B 305 12.18 9.56 -4.46
CA CYS B 305 13.62 9.33 -4.45
C CYS B 305 14.36 10.41 -5.24
N TYR B 306 13.98 10.66 -6.50
CA TYR B 306 14.70 11.63 -7.31
C TYR B 306 14.45 13.09 -6.82
N THR B 307 13.24 13.42 -6.31
CA THR B 307 12.98 14.77 -5.82
C THR B 307 13.89 15.06 -4.60
N LEU B 308 13.94 14.14 -3.61
CA LEU B 308 14.78 14.27 -2.41
C LEU B 308 16.27 14.30 -2.79
N MET B 309 16.64 13.60 -3.87
CA MET B 309 18.01 13.55 -4.39
C MET B 309 18.46 14.93 -4.87
N ILE B 310 17.61 15.60 -5.69
CA ILE B 310 17.89 16.95 -6.23
C ILE B 310 17.89 17.96 -5.08
N LEU B 311 16.90 17.88 -4.15
CA LEU B 311 16.77 18.75 -2.99
C LEU B 311 18.06 18.75 -2.16
N ARG B 312 18.70 17.57 -2.02
CA ARG B 312 19.98 17.39 -1.30
C ARG B 312 21.11 18.16 -2.01
N LEU B 313 21.19 18.02 -3.34
CA LEU B 313 22.22 18.67 -4.14
C LEU B 313 22.00 20.19 -4.19
N LYS B 314 20.72 20.63 -4.17
CA LYS B 314 20.40 22.07 -4.16
C LYS B 314 20.79 22.69 -2.82
N SER B 315 20.69 21.92 -1.72
CA SER B 315 20.98 22.35 -0.35
C SER B 315 22.45 22.74 -0.15
N VAL B 316 23.39 22.01 -0.79
CA VAL B 316 24.82 22.31 -0.63
C VAL B 316 25.21 23.48 -1.59
N ARG B 317 26.09 24.38 -1.09
CA ARG B 317 26.60 25.55 -1.80
C ARG B 317 28.03 25.88 -1.29
N LEU B 318 29.04 25.13 -1.79
CA LEU B 318 30.45 25.29 -1.41
C LEU B 318 31.20 26.11 -2.46
N SER B 322 30.48 27.80 -7.54
CA SER B 322 29.04 28.05 -7.56
C SER B 322 28.41 27.66 -8.92
N ARG B 323 29.18 27.80 -10.03
CA ARG B 323 28.73 27.49 -11.38
C ARG B 323 28.69 25.97 -11.64
N GLU B 324 29.63 25.20 -11.02
CA GLU B 324 29.74 23.74 -11.13
C GLU B 324 28.49 23.05 -10.56
N LYS B 325 27.98 23.56 -9.41
CA LYS B 325 26.79 23.03 -8.75
C LYS B 325 25.57 23.20 -9.66
N ASP B 326 25.41 24.41 -10.24
CA ASP B 326 24.31 24.79 -11.12
C ASP B 326 24.37 24.01 -12.45
N ARG B 327 25.60 23.69 -12.93
CA ARG B 327 25.82 22.92 -14.17
C ARG B 327 25.35 21.48 -13.99
N ASN B 328 25.69 20.85 -12.84
CA ASN B 328 25.25 19.49 -12.53
C ASN B 328 23.74 19.48 -12.21
N LEU B 329 23.27 20.42 -11.36
CA LEU B 329 21.85 20.52 -10.99
C LEU B 329 20.95 20.61 -12.22
N ARG B 330 21.31 21.46 -13.22
CA ARG B 330 20.54 21.62 -14.45
C ARG B 330 20.51 20.30 -15.25
N ARG B 331 21.69 19.66 -15.45
CA ARG B 331 21.85 18.40 -16.20
C ARG B 331 21.08 17.24 -15.54
N ILE B 332 21.16 17.13 -14.20
CA ILE B 332 20.51 16.06 -13.45
C ILE B 332 18.98 16.30 -13.43
N THR B 333 18.52 17.54 -13.14
CA THR B 333 17.07 17.86 -13.10
C THR B 333 16.45 17.54 -14.46
N ARG B 334 17.09 17.96 -15.58
CA ARG B 334 16.61 17.66 -16.93
C ARG B 334 16.49 16.15 -17.14
N LEU B 335 17.53 15.38 -16.72
CA LEU B 335 17.58 13.92 -16.82
C LEU B 335 16.44 13.28 -16.01
N VAL B 336 16.29 13.70 -14.73
CA VAL B 336 15.25 13.23 -13.79
C VAL B 336 13.87 13.47 -14.38
N LEU B 337 13.58 14.72 -14.82
CA LEU B 337 12.28 15.08 -15.42
C LEU B 337 11.94 14.13 -16.57
N VAL B 338 12.90 13.87 -17.47
CA VAL B 338 12.73 13.01 -18.64
C VAL B 338 12.43 11.55 -18.22
N VAL B 339 13.29 10.92 -17.38
CA VAL B 339 13.15 9.49 -17.01
C VAL B 339 11.75 9.23 -16.38
N VAL B 340 11.26 10.12 -15.49
CA VAL B 340 9.96 9.90 -14.88
C VAL B 340 8.87 10.27 -15.90
N ALA B 341 9.07 11.33 -16.71
CA ALA B 341 8.10 11.76 -17.73
C ALA B 341 7.78 10.61 -18.67
N VAL B 342 8.81 9.85 -19.08
CA VAL B 342 8.67 8.68 -19.95
C VAL B 342 7.85 7.58 -19.21
N PHE B 343 8.14 7.33 -17.92
CA PHE B 343 7.43 6.30 -17.14
C PHE B 343 5.95 6.69 -16.95
N VAL B 344 5.66 7.99 -16.72
CA VAL B 344 4.31 8.49 -16.50
C VAL B 344 3.54 8.50 -17.85
N VAL B 345 4.11 9.11 -18.90
CA VAL B 345 3.48 9.23 -20.22
C VAL B 345 3.13 7.82 -20.78
N CYS B 346 3.97 6.79 -20.52
CA CYS B 346 3.80 5.46 -21.11
C CYS B 346 2.89 4.54 -20.25
N TRP B 347 2.98 4.55 -18.91
CA TRP B 347 2.19 3.59 -18.12
C TRP B 347 0.83 4.12 -17.66
N THR B 348 0.71 5.44 -17.34
CA THR B 348 -0.54 6.04 -16.87
C THR B 348 -1.73 5.76 -17.85
N PRO B 349 -1.58 5.82 -19.21
CA PRO B 349 -2.77 5.60 -20.06
C PRO B 349 -3.35 4.19 -19.97
N ILE B 350 -2.49 3.16 -20.07
CA ILE B 350 -2.93 1.78 -20.13
C ILE B 350 -3.36 1.28 -18.71
N HIS B 351 -2.68 1.69 -17.61
CA HIS B 351 -3.09 1.25 -16.27
C HIS B 351 -4.49 1.76 -15.93
N ILE B 352 -4.79 3.04 -16.29
CA ILE B 352 -6.10 3.66 -16.09
C ILE B 352 -7.13 3.00 -17.01
N PHE B 353 -6.78 2.75 -18.28
CA PHE B 353 -7.70 2.15 -19.24
C PHE B 353 -8.18 0.76 -18.76
N ILE B 354 -7.23 -0.12 -18.39
CA ILE B 354 -7.50 -1.47 -17.89
C ILE B 354 -8.32 -1.39 -16.58
N LEU B 355 -7.97 -0.44 -15.68
CA LEU B 355 -8.64 -0.23 -14.40
C LEU B 355 -10.09 0.18 -14.58
N VAL B 356 -10.33 1.19 -15.45
CA VAL B 356 -11.68 1.73 -15.72
C VAL B 356 -12.52 0.64 -16.41
N GLU B 357 -11.95 -0.10 -17.39
CA GLU B 357 -12.64 -1.17 -18.13
C GLU B 357 -13.11 -2.28 -17.16
N ALA B 358 -12.35 -2.50 -16.06
CA ALA B 358 -12.66 -3.49 -15.04
C ALA B 358 -13.70 -2.98 -14.04
N LEU B 359 -13.68 -1.66 -13.73
CA LEU B 359 -14.64 -1.04 -12.79
C LEU B 359 -15.99 -0.75 -13.47
N GLY B 360 -15.97 -0.62 -14.81
CA GLY B 360 -17.15 -0.35 -15.63
C GLY B 360 -17.08 -0.92 -17.02
N SER B 365 -16.53 -0.62 -28.71
CA SER B 365 -16.40 0.36 -29.78
C SER B 365 -15.18 0.02 -30.61
N THR B 366 -15.11 0.56 -31.82
CA THR B 366 -13.96 0.31 -32.68
C THR B 366 -12.84 1.26 -32.22
N ALA B 367 -13.22 2.54 -31.95
CA ALA B 367 -12.30 3.58 -31.47
C ALA B 367 -11.77 3.24 -30.08
N ALA B 368 -12.63 2.64 -29.21
CA ALA B 368 -12.27 2.20 -27.86
C ALA B 368 -11.26 1.04 -27.91
N LEU B 369 -11.37 0.16 -28.93
CA LEU B 369 -10.45 -0.95 -29.11
C LEU B 369 -9.11 -0.44 -29.66
N SER B 370 -9.14 0.52 -30.60
CA SER B 370 -7.93 1.11 -31.20
C SER B 370 -7.17 1.94 -30.18
N SER B 371 -7.89 2.72 -29.34
CA SER B 371 -7.28 3.52 -28.29
C SER B 371 -6.60 2.62 -27.25
N TYR B 372 -7.21 1.45 -26.91
CA TYR B 372 -6.64 0.46 -25.96
C TYR B 372 -5.28 -0.06 -26.46
N TYR B 373 -5.21 -0.51 -27.72
CA TYR B 373 -3.97 -1.06 -28.27
C TYR B 373 -2.96 0.06 -28.54
N PHE B 374 -3.42 1.32 -28.65
CA PHE B 374 -2.49 2.43 -28.74
C PHE B 374 -1.82 2.61 -27.36
N CYS B 375 -2.62 2.47 -26.26
CA CYS B 375 -2.15 2.57 -24.87
C CYS B 375 -1.24 1.39 -24.54
N ILE B 376 -1.53 0.19 -25.13
CA ILE B 376 -0.71 -1.02 -25.01
C ILE B 376 0.67 -0.71 -25.59
N ALA B 377 0.71 -0.08 -26.79
CA ALA B 377 1.94 0.28 -27.50
C ALA B 377 2.79 1.22 -26.67
N LEU B 378 2.15 2.18 -25.95
CA LEU B 378 2.82 3.15 -25.06
C LEU B 378 3.54 2.43 -23.91
N GLY B 379 2.93 1.39 -23.35
CA GLY B 379 3.56 0.58 -22.31
C GLY B 379 4.86 -0.04 -22.81
N TYR B 380 4.81 -0.60 -24.04
CA TYR B 380 5.96 -1.22 -24.68
C TYR B 380 7.02 -0.18 -25.05
N THR B 381 6.60 1.10 -25.26
CA THR B 381 7.47 2.23 -25.62
C THR B 381 8.45 2.53 -24.47
N ASN B 382 7.98 2.44 -23.21
CA ASN B 382 8.81 2.63 -22.02
C ASN B 382 10.03 1.71 -22.09
N SER B 383 9.79 0.42 -22.40
CA SER B 383 10.77 -0.65 -22.54
C SER B 383 11.75 -0.39 -23.68
N SER B 384 11.26 0.27 -24.75
CA SER B 384 12.05 0.58 -25.94
C SER B 384 12.89 1.84 -25.75
N LEU B 385 12.44 2.77 -24.89
CA LEU B 385 13.15 4.02 -24.63
C LEU B 385 14.18 3.85 -23.52
N ASN B 386 13.98 2.90 -22.58
CA ASN B 386 14.91 2.63 -21.47
C ASN B 386 16.36 2.47 -21.96
N PRO B 387 16.69 1.73 -23.08
CA PRO B 387 18.11 1.66 -23.52
C PRO B 387 18.71 3.05 -23.80
N ILE B 388 17.92 3.95 -24.41
CA ILE B 388 18.34 5.32 -24.71
C ILE B 388 18.40 6.14 -23.40
N LEU B 389 17.51 5.86 -22.44
CA LEU B 389 17.44 6.64 -21.19
C LEU B 389 18.53 6.23 -20.17
N TYR B 390 18.46 5.02 -19.59
CA TYR B 390 19.35 4.59 -18.51
C TYR B 390 20.66 3.94 -19.01
N ALA B 391 20.69 3.30 -20.19
CA ALA B 391 21.90 2.63 -20.67
C ALA B 391 22.80 3.55 -21.52
N PHE B 392 22.17 4.41 -22.33
CA PHE B 392 22.92 5.33 -23.18
C PHE B 392 23.58 6.46 -22.38
N LEU B 393 22.82 7.04 -21.46
CA LEU B 393 23.33 8.14 -20.62
C LEU B 393 24.54 7.69 -19.76
N ASP B 394 24.55 6.43 -19.26
CA ASP B 394 25.63 5.91 -18.41
C ASP B 394 26.60 5.07 -19.25
N VAL C 4 45.91 21.06 7.39
CA VAL C 4 45.86 20.23 6.19
C VAL C 4 44.53 20.45 5.45
N GLN C 5 44.56 20.49 4.10
CA GLN C 5 43.35 20.68 3.28
C GLN C 5 42.54 19.38 3.23
N LEU C 6 43.11 18.33 2.62
CA LEU C 6 42.50 16.99 2.51
C LEU C 6 42.82 16.18 3.78
N VAL C 7 41.81 16.05 4.68
CA VAL C 7 41.96 15.36 5.96
C VAL C 7 41.64 13.87 5.74
N GLU C 8 42.71 13.10 5.51
CA GLU C 8 42.66 11.66 5.26
C GLU C 8 42.64 10.87 6.57
N SER C 9 41.54 10.17 6.82
CA SER C 9 41.35 9.34 8.00
C SER C 9 41.13 7.90 7.58
N GLY C 10 41.25 6.98 8.55
CA GLY C 10 41.16 5.55 8.29
C GLY C 10 42.53 5.01 7.91
N GLY C 11 42.61 3.69 7.71
CA GLY C 11 43.87 3.06 7.34
C GLY C 11 44.58 2.30 8.45
N GLY C 12 45.91 2.15 8.28
CA GLY C 12 46.73 1.38 9.19
C GLY C 12 46.72 -0.12 8.91
N LEU C 13 46.95 -0.93 9.94
CA LEU C 13 46.97 -2.39 9.84
C LEU C 13 45.57 -2.97 9.82
N VAL C 14 45.40 -4.04 9.02
CA VAL C 14 44.14 -4.77 8.87
C VAL C 14 44.49 -6.26 8.56
N ARG C 15 43.71 -7.20 9.06
CA ARG C 15 43.92 -8.62 8.80
C ARG C 15 43.52 -9.00 7.38
N PRO C 16 44.23 -9.93 6.74
CA PRO C 16 43.81 -10.26 5.36
C PRO C 16 42.38 -10.81 5.36
N GLY C 17 41.54 -10.16 4.56
CA GLY C 17 40.11 -10.45 4.48
C GLY C 17 39.32 -9.47 5.33
N GLY C 18 40.03 -8.56 5.96
CA GLY C 18 39.48 -7.52 6.82
C GLY C 18 39.04 -6.30 6.04
N SER C 19 38.38 -5.36 6.73
CA SER C 19 37.85 -4.16 6.09
C SER C 19 38.43 -2.87 6.69
N LEU C 20 38.41 -1.79 5.88
CA LEU C 20 38.81 -0.42 6.24
C LEU C 20 37.97 0.58 5.48
N ARG C 21 37.47 1.61 6.18
CA ARG C 21 36.69 2.65 5.54
C ARG C 21 37.52 3.93 5.51
N LEU C 22 38.12 4.23 4.36
CA LEU C 22 38.93 5.44 4.22
C LEU C 22 38.03 6.65 4.06
N SER C 23 38.50 7.79 4.61
CA SER C 23 37.79 9.06 4.60
C SER C 23 38.70 10.19 4.20
N CYS C 24 38.15 11.17 3.50
CA CYS C 24 38.87 12.37 3.09
C CYS C 24 37.93 13.54 3.11
N VAL C 25 38.23 14.59 3.89
CA VAL C 25 37.32 15.72 4.02
C VAL C 25 38.10 17.06 3.94
N ASP C 26 37.52 18.01 3.19
CA ASP C 26 38.03 19.37 3.08
C ASP C 26 37.01 20.31 3.72
N SER C 27 37.17 20.55 5.03
CA SER C 27 36.28 21.37 5.85
C SER C 27 36.28 22.84 5.39
N GLU C 28 37.45 23.35 4.91
CA GLU C 28 37.59 24.74 4.43
C GLU C 28 36.83 24.96 3.11
N ARG C 29 36.41 23.86 2.45
CA ARG C 29 35.67 23.83 1.19
C ARG C 29 36.46 24.55 0.07
N THR C 30 37.78 24.27 -0.01
CA THR C 30 38.68 24.87 -1.01
C THR C 30 38.83 23.90 -2.21
N SER C 31 38.30 22.67 -2.09
CA SER C 31 38.31 21.61 -3.11
C SER C 31 37.25 20.54 -2.82
N TYR C 32 36.98 19.68 -3.81
CA TYR C 32 36.03 18.57 -3.66
C TYR C 32 36.75 17.22 -3.71
N PRO C 33 36.89 16.48 -2.59
CA PRO C 33 37.50 15.14 -2.69
C PRO C 33 36.62 14.25 -3.56
N MET C 34 37.13 13.84 -4.74
CA MET C 34 36.37 13.08 -5.74
C MET C 34 37.13 11.87 -6.30
N GLY C 35 38.35 11.61 -5.82
CA GLY C 35 39.13 10.49 -6.30
C GLY C 35 40.01 9.78 -5.29
N TRP C 36 40.42 8.55 -5.66
CA TRP C 36 41.31 7.70 -4.88
C TRP C 36 42.37 7.09 -5.78
N PHE C 37 43.64 7.20 -5.36
CA PHE C 37 44.82 6.63 -6.02
C PHE C 37 45.67 5.91 -4.98
N ARG C 38 46.48 4.92 -5.39
CA ARG C 38 47.32 4.20 -4.45
C ARG C 38 48.69 3.93 -5.05
N ARG C 39 49.74 3.92 -4.22
CA ARG C 39 51.08 3.65 -4.71
C ARG C 39 51.68 2.52 -3.87
N ALA C 40 51.87 1.34 -4.50
CA ALA C 40 52.46 0.16 -3.87
C ALA C 40 53.96 0.38 -3.57
N PRO C 41 54.63 -0.41 -2.68
CA PRO C 41 56.06 -0.18 -2.37
C PRO C 41 56.96 -0.07 -3.61
N GLY C 42 56.68 -0.88 -4.63
CA GLY C 42 57.46 -0.87 -5.87
C GLY C 42 56.75 -0.22 -7.04
N LYS C 43 55.50 -0.65 -7.30
CA LYS C 43 54.65 -0.22 -8.44
C LYS C 43 54.40 1.31 -8.45
N GLU C 44 54.01 1.84 -9.63
CA GLU C 44 53.69 3.25 -9.89
C GLU C 44 52.30 3.59 -9.28
N ARG C 45 51.81 4.81 -9.47
CA ARG C 45 50.51 5.17 -8.93
C ARG C 45 49.46 4.39 -9.66
N GLU C 46 48.39 4.06 -8.96
CA GLU C 46 47.33 3.26 -9.53
C GLU C 46 45.97 3.85 -9.16
N PHE C 47 45.09 3.99 -10.16
CA PHE C 47 43.72 4.48 -9.94
C PHE C 47 42.94 3.46 -9.12
N VAL C 48 42.27 3.92 -8.06
CA VAL C 48 41.47 3.06 -7.20
C VAL C 48 39.99 3.22 -7.60
N ALA C 49 39.43 4.43 -7.37
CA ALA C 49 38.04 4.75 -7.67
C ALA C 49 37.82 6.25 -7.72
N SER C 50 36.81 6.66 -8.47
CA SER C 50 36.38 8.05 -8.60
C SER C 50 34.86 8.15 -8.40
N ILE C 51 34.34 9.38 -8.25
CA ILE C 51 32.92 9.64 -8.13
C ILE C 51 32.67 11.08 -8.61
N THR C 52 31.45 11.36 -9.12
CA THR C 52 31.10 12.69 -9.62
C THR C 52 30.84 13.63 -8.44
N TRP C 53 30.80 14.96 -8.71
CA TRP C 53 30.53 16.00 -7.71
C TRP C 53 29.24 15.69 -6.97
N SER C 54 28.22 15.27 -7.73
CA SER C 54 26.90 14.89 -7.24
C SER C 54 26.95 13.67 -6.30
N GLY C 55 27.99 12.84 -6.43
CA GLY C 55 28.18 11.62 -5.66
C GLY C 55 27.28 10.48 -6.14
N ILE C 56 26.81 10.57 -7.41
CA ILE C 56 25.91 9.60 -8.02
C ILE C 56 26.71 8.52 -8.80
N ASP C 57 27.58 8.93 -9.76
CA ASP C 57 28.29 7.98 -10.62
C ASP C 57 29.70 7.63 -10.10
N PRO C 58 29.86 6.40 -9.52
CA PRO C 58 31.18 5.98 -9.05
C PRO C 58 31.93 5.15 -10.09
N THR C 59 33.16 5.55 -10.42
CA THR C 59 34.01 4.83 -11.36
C THR C 59 34.98 3.96 -10.55
N TYR C 60 35.17 2.69 -10.94
CA TYR C 60 36.08 1.80 -10.20
C TYR C 60 37.06 1.11 -11.11
N ALA C 61 38.26 0.81 -10.58
CA ALA C 61 39.27 0.03 -11.28
C ALA C 61 38.87 -1.45 -11.23
N ASP C 62 38.99 -2.18 -12.37
CA ASP C 62 38.63 -3.61 -12.48
C ASP C 62 39.17 -4.46 -11.32
N SER C 63 40.40 -4.15 -10.84
CA SER C 63 41.10 -4.84 -9.75
C SER C 63 40.36 -4.78 -8.41
N VAL C 64 39.79 -3.59 -8.05
CA VAL C 64 39.17 -3.36 -6.75
C VAL C 64 37.61 -3.14 -6.86
N ALA C 65 37.05 -3.13 -8.09
CA ALA C 65 35.61 -2.89 -8.38
C ALA C 65 34.67 -3.87 -7.64
N ASP C 66 35.13 -5.11 -7.45
CA ASP C 66 34.41 -6.22 -6.82
C ASP C 66 34.40 -6.15 -5.28
N ARG C 67 35.39 -5.48 -4.65
CA ARG C 67 35.55 -5.45 -3.18
C ARG C 67 35.38 -4.02 -2.59
N PHE C 68 35.88 -3.00 -3.28
CA PHE C 68 35.80 -1.63 -2.81
C PHE C 68 34.53 -0.91 -3.25
N THR C 69 34.12 0.08 -2.46
CA THR C 69 32.92 0.88 -2.76
C THR C 69 33.20 2.33 -2.34
N THR C 70 32.94 3.31 -3.23
CA THR C 70 33.20 4.70 -2.88
C THR C 70 31.87 5.48 -2.82
N SER C 71 31.84 6.53 -1.98
CA SER C 71 30.68 7.40 -1.83
C SER C 71 31.12 8.82 -1.50
N ARG C 72 30.27 9.81 -1.76
CA ARG C 72 30.59 11.19 -1.48
C ARG C 72 29.42 11.84 -0.75
N ASP C 73 29.72 12.38 0.44
CA ASP C 73 28.77 13.12 1.26
C ASP C 73 28.87 14.55 0.85
N VAL C 74 28.02 14.95 -0.10
CA VAL C 74 27.98 16.30 -0.69
C VAL C 74 27.84 17.37 0.43
N ALA C 75 27.03 17.08 1.48
CA ALA C 75 26.78 17.98 2.61
C ALA C 75 28.05 18.25 3.41
N ASN C 76 28.75 17.19 3.83
CA ASN C 76 29.99 17.29 4.61
C ASN C 76 31.23 17.48 3.74
N ASN C 77 31.07 17.40 2.39
CA ASN C 77 32.16 17.50 1.41
C ASN C 77 33.20 16.41 1.74
N THR C 78 32.70 15.22 2.11
CA THR C 78 33.53 14.09 2.53
C THR C 78 33.48 12.97 1.49
N LEU C 79 34.64 12.41 1.17
CA LEU C 79 34.77 11.27 0.25
C LEU C 79 35.08 10.02 1.06
N TYR C 80 34.42 8.89 0.72
CA TYR C 80 34.62 7.63 1.45
C TYR C 80 35.10 6.53 0.51
N LEU C 81 35.84 5.54 1.08
CA LEU C 81 36.33 4.39 0.33
C LEU C 81 36.26 3.14 1.20
N GLN C 82 35.16 2.39 1.06
CA GLN C 82 34.93 1.15 1.78
C GLN C 82 35.77 0.05 1.14
N MET C 83 36.75 -0.47 1.88
CA MET C 83 37.63 -1.50 1.36
C MET C 83 37.40 -2.81 2.12
N ASN C 84 36.68 -3.76 1.51
CA ASN C 84 36.38 -5.06 2.12
C ASN C 84 37.17 -6.17 1.42
N SER C 85 37.28 -7.36 2.09
CA SER C 85 38.01 -8.55 1.61
C SER C 85 39.41 -8.14 1.13
N LEU C 86 40.12 -7.32 1.95
CA LEU C 86 41.43 -6.76 1.66
C LEU C 86 42.50 -7.86 1.59
N LYS C 87 43.17 -7.93 0.43
CA LYS C 87 44.25 -8.87 0.13
C LYS C 87 45.61 -8.13 0.19
N HIS C 88 46.73 -8.89 0.10
CA HIS C 88 48.08 -8.30 0.15
C HIS C 88 48.30 -7.29 -1.00
N GLU C 89 47.75 -7.56 -2.20
CA GLU C 89 47.88 -6.70 -3.39
C GLU C 89 47.33 -5.26 -3.13
N ASP C 90 46.61 -5.06 -2.01
CA ASP C 90 46.01 -3.77 -1.65
C ASP C 90 46.91 -2.97 -0.70
N THR C 91 47.94 -3.60 -0.08
CA THR C 91 48.90 -2.93 0.82
C THR C 91 49.63 -1.84 0.02
N ALA C 92 49.27 -0.55 0.27
CA ALA C 92 49.81 0.62 -0.44
C ALA C 92 49.52 1.93 0.31
N VAL C 93 50.10 3.05 -0.17
CA VAL C 93 49.83 4.38 0.37
C VAL C 93 48.68 4.97 -0.43
N TYR C 94 47.51 5.10 0.18
CA TYR C 94 46.31 5.58 -0.50
C TYR C 94 46.21 7.11 -0.41
N TYR C 95 46.10 7.74 -1.58
CA TYR C 95 46.01 9.19 -1.72
C TYR C 95 44.62 9.62 -2.17
N CYS C 96 44.15 10.68 -1.53
CA CYS C 96 42.89 11.33 -1.82
C CYS C 96 43.09 12.31 -2.95
N ALA C 97 42.22 12.28 -3.96
CA ALA C 97 42.28 13.20 -5.09
C ALA C 97 41.11 14.17 -5.03
N ALA C 98 41.40 15.46 -5.03
CA ALA C 98 40.39 16.51 -4.93
C ALA C 98 40.42 17.40 -6.15
N ARG C 99 39.23 17.87 -6.57
CA ARG C 99 39.14 18.78 -7.71
C ARG C 99 38.80 20.20 -7.22
N ALA C 100 39.40 21.22 -7.83
CA ALA C 100 39.15 22.62 -7.47
C ALA C 100 37.72 23.05 -7.85
N PRO C 101 37.14 24.12 -7.25
CA PRO C 101 35.76 24.51 -7.60
C PRO C 101 35.64 25.00 -9.06
N VAL C 102 36.60 25.86 -9.50
CA VAL C 102 36.65 26.42 -10.85
C VAL C 102 37.99 26.00 -11.49
N GLY C 103 37.92 25.33 -12.64
CA GLY C 103 39.09 24.86 -13.37
C GLY C 103 38.87 24.60 -14.85
N GLN C 104 39.89 24.94 -15.68
CA GLN C 104 39.93 24.76 -17.14
C GLN C 104 39.68 23.28 -17.52
N SER C 105 40.35 22.35 -16.80
CA SER C 105 40.21 20.91 -17.00
C SER C 105 39.14 20.35 -16.06
N SER C 106 37.94 20.07 -16.61
CA SER C 106 36.78 19.55 -15.87
C SER C 106 36.43 18.11 -16.31
N SER C 107 37.31 17.48 -17.14
CA SER C 107 37.15 16.10 -17.63
C SER C 107 37.37 15.09 -16.47
N PRO C 108 36.82 13.85 -16.53
CA PRO C 108 37.02 12.91 -15.41
C PRO C 108 38.49 12.46 -15.26
N TYR C 109 38.82 11.94 -14.04
CA TYR C 109 40.14 11.42 -13.59
C TYR C 109 41.18 12.57 -13.56
N ASP C 110 40.72 13.82 -13.31
CA ASP C 110 41.60 15.00 -13.22
C ASP C 110 41.72 15.44 -11.75
N TYR C 111 42.90 15.17 -11.17
CA TYR C 111 43.24 15.56 -9.80
C TYR C 111 43.85 16.96 -9.81
N ASP C 112 43.33 17.85 -8.94
CA ASP C 112 43.83 19.22 -8.83
C ASP C 112 44.64 19.36 -7.55
N TYR C 113 44.22 18.63 -6.51
CA TYR C 113 44.88 18.57 -5.22
C TYR C 113 45.02 17.12 -4.79
N TRP C 114 46.24 16.70 -4.47
CA TRP C 114 46.53 15.34 -4.04
C TRP C 114 46.51 15.25 -2.50
N GLY C 115 46.46 14.03 -1.98
CA GLY C 115 46.46 13.77 -0.55
C GLY C 115 47.85 13.44 -0.05
N GLN C 116 48.11 13.65 1.28
CA GLN C 116 49.41 13.37 1.91
C GLN C 116 49.69 11.85 1.90
N GLY C 117 48.64 11.06 2.06
CA GLY C 117 48.73 9.61 2.05
C GLY C 117 48.34 8.96 3.35
N THR C 118 47.81 7.75 3.23
CA THR C 118 47.36 6.91 4.33
C THR C 118 47.90 5.51 4.10
N GLN C 119 48.85 5.08 4.92
CA GLN C 119 49.42 3.75 4.73
C GLN C 119 48.40 2.68 5.13
N VAL C 120 48.03 1.85 4.16
CA VAL C 120 47.16 0.71 4.38
C VAL C 120 48.04 -0.51 4.27
N THR C 121 48.12 -1.29 5.34
CA THR C 121 48.95 -2.49 5.38
C THR C 121 48.04 -3.70 5.69
N VAL C 122 48.10 -4.72 4.83
CA VAL C 122 47.33 -5.94 4.99
C VAL C 122 48.33 -7.07 5.40
N SER C 123 48.53 -7.24 6.72
CA SER C 123 49.47 -8.22 7.27
C SER C 123 48.81 -9.07 8.38
N SER C 124 49.59 -10.01 9.00
CA SER C 124 49.16 -10.97 10.02
C SER C 124 48.74 -10.31 11.38
N HIS C 125 48.91 -8.99 11.57
CA HIS C 125 48.48 -8.36 12.83
C HIS C 125 47.65 -7.10 12.55
N HIS C 126 46.43 -7.03 13.07
CA HIS C 126 45.55 -5.88 12.87
C HIS C 126 45.37 -5.03 14.09
N HIS C 127 45.65 -5.62 15.25
CA HIS C 127 45.54 -4.96 16.54
C HIS C 127 46.71 -5.31 17.47
N HIS C 128 47.11 -6.61 17.54
CA HIS C 128 48.19 -7.01 18.45
C HIS C 128 49.04 -8.16 17.82
N HIS C 129 48.60 -9.43 17.96
CA HIS C 129 49.32 -10.60 17.44
C HIS C 129 48.51 -11.32 16.34
N VAL D 4 -48.92 -14.20 -10.13
CA VAL D 4 -48.50 -14.18 -8.73
C VAL D 4 -47.70 -12.90 -8.43
N GLN D 5 -47.98 -12.27 -7.28
CA GLN D 5 -47.30 -11.04 -6.85
C GLN D 5 -45.89 -11.38 -6.38
N LEU D 6 -45.78 -12.11 -5.24
CA LEU D 6 -44.51 -12.56 -4.67
C LEU D 6 -44.04 -13.86 -5.35
N VAL D 7 -43.04 -13.74 -6.25
CA VAL D 7 -42.52 -14.86 -7.04
C VAL D 7 -41.40 -15.55 -6.23
N GLU D 8 -41.76 -16.66 -5.57
CA GLU D 8 -40.90 -17.46 -4.71
C GLU D 8 -40.31 -18.67 -5.44
N SER D 9 -38.98 -18.88 -5.30
CA SER D 9 -38.25 -20.00 -5.89
C SER D 9 -36.97 -20.31 -5.08
N GLY D 10 -36.37 -21.47 -5.34
CA GLY D 10 -35.14 -21.91 -4.69
C GLY D 10 -35.30 -22.95 -3.60
N GLY D 11 -36.51 -23.50 -3.48
CA GLY D 11 -36.83 -24.53 -2.48
C GLY D 11 -36.53 -25.95 -2.94
N GLY D 12 -37.35 -26.88 -2.49
CA GLY D 12 -37.26 -28.30 -2.85
C GLY D 12 -36.38 -29.12 -1.94
N LEU D 13 -35.91 -30.27 -2.46
CA LEU D 13 -35.04 -31.19 -1.74
C LEU D 13 -33.60 -30.69 -1.70
N VAL D 14 -32.94 -30.94 -0.55
CA VAL D 14 -31.53 -30.60 -0.31
C VAL D 14 -30.94 -31.64 0.68
N ARG D 15 -29.68 -32.03 0.50
CA ARG D 15 -29.05 -32.98 1.41
C ARG D 15 -28.74 -32.33 2.76
N PRO D 16 -28.79 -33.10 3.86
CA PRO D 16 -28.49 -32.45 5.14
C PRO D 16 -27.05 -31.94 5.17
N GLY D 17 -26.92 -30.64 5.44
CA GLY D 17 -25.64 -29.93 5.41
C GLY D 17 -25.48 -29.18 4.10
N GLY D 18 -26.49 -29.30 3.25
CA GLY D 18 -26.55 -28.66 1.95
C GLY D 18 -27.09 -27.26 2.02
N SER D 19 -27.04 -26.55 0.88
CA SER D 19 -27.47 -25.15 0.82
C SER D 19 -28.60 -24.91 -0.19
N LEU D 20 -29.37 -23.84 0.04
CA LEU D 20 -30.45 -23.35 -0.82
C LEU D 20 -30.52 -21.84 -0.74
N ARG D 21 -30.64 -21.18 -1.89
CA ARG D 21 -30.78 -19.72 -1.93
C ARG D 21 -32.21 -19.38 -2.33
N LEU D 22 -33.05 -19.03 -1.36
CA LEU D 22 -34.43 -18.67 -1.64
C LEU D 22 -34.49 -17.25 -2.20
N SER D 23 -35.40 -17.01 -3.16
CA SER D 23 -35.54 -15.69 -3.79
C SER D 23 -37.03 -15.37 -4.02
N CYS D 24 -37.41 -14.15 -3.64
CA CYS D 24 -38.77 -13.63 -3.72
C CYS D 24 -38.74 -12.28 -4.43
N VAL D 25 -39.49 -12.15 -5.53
CA VAL D 25 -39.46 -10.92 -6.31
C VAL D 25 -40.89 -10.49 -6.70
N ASP D 26 -41.16 -9.18 -6.60
CA ASP D 26 -42.41 -8.57 -7.02
C ASP D 26 -42.08 -7.63 -8.18
N SER D 27 -42.15 -8.18 -9.40
CA SER D 27 -41.84 -7.49 -10.65
C SER D 27 -42.81 -6.33 -10.92
N GLU D 28 -44.10 -6.48 -10.51
CA GLU D 28 -45.14 -5.44 -10.71
C GLU D 28 -44.90 -4.23 -9.78
N ARG D 29 -43.99 -4.40 -8.78
CA ARG D 29 -43.58 -3.37 -7.81
C ARG D 29 -44.81 -2.88 -7.01
N THR D 30 -45.69 -3.82 -6.58
CA THR D 30 -46.90 -3.51 -5.81
C THR D 30 -46.61 -3.67 -4.29
N SER D 31 -45.43 -4.21 -3.94
CA SER D 31 -44.96 -4.45 -2.57
C SER D 31 -43.44 -4.65 -2.52
N TYR D 32 -42.86 -4.59 -1.30
CA TYR D 32 -41.43 -4.81 -1.09
C TYR D 32 -41.19 -6.10 -0.30
N PRO D 33 -40.67 -7.19 -0.92
CA PRO D 33 -40.35 -8.39 -0.13
C PRO D 33 -39.25 -8.04 0.88
N MET D 34 -39.60 -8.08 2.19
CA MET D 34 -38.71 -7.66 3.29
C MET D 34 -38.67 -8.67 4.45
N GLY D 35 -39.37 -9.80 4.34
CA GLY D 35 -39.39 -10.79 5.41
C GLY D 35 -39.47 -12.25 4.98
N TRP D 36 -39.10 -13.13 5.92
CA TRP D 36 -39.14 -14.59 5.76
C TRP D 36 -39.75 -15.24 6.99
N PHE D 37 -40.74 -16.12 6.77
CA PHE D 37 -41.42 -16.92 7.80
C PHE D 37 -41.47 -18.37 7.34
N ARG D 38 -41.56 -19.33 8.28
CA ARG D 38 -41.62 -20.75 7.91
C ARG D 38 -42.61 -21.48 8.78
N ARG D 39 -43.29 -22.49 8.22
CA ARG D 39 -44.24 -23.26 9.00
C ARG D 39 -43.89 -24.74 8.87
N ALA D 40 -43.42 -25.33 9.99
CA ALA D 40 -43.03 -26.74 10.09
C ALA D 40 -44.28 -27.66 10.01
N PRO D 41 -44.14 -28.98 9.71
CA PRO D 41 -45.34 -29.86 9.59
C PRO D 41 -46.32 -29.74 10.77
N GLY D 42 -45.78 -29.63 11.99
CA GLY D 42 -46.60 -29.53 13.18
C GLY D 42 -46.64 -28.14 13.80
N LYS D 43 -45.44 -27.53 13.99
CA LYS D 43 -45.24 -26.22 14.64
C LYS D 43 -45.98 -25.07 13.90
N GLU D 44 -46.20 -23.95 14.62
CA GLU D 44 -46.88 -22.75 14.13
C GLU D 44 -45.95 -21.92 13.23
N ARG D 45 -46.39 -20.71 12.83
CA ARG D 45 -45.64 -19.76 12.00
C ARG D 45 -44.40 -19.28 12.79
N GLU D 46 -43.20 -19.49 12.22
CA GLU D 46 -41.94 -19.11 12.86
C GLU D 46 -41.18 -18.06 12.02
N PHE D 47 -40.72 -16.97 12.68
CA PHE D 47 -39.92 -15.92 12.04
C PHE D 47 -38.56 -16.47 11.65
N VAL D 48 -38.14 -16.23 10.40
CA VAL D 48 -36.85 -16.69 9.90
C VAL D 48 -35.87 -15.51 9.94
N ALA D 49 -36.12 -14.48 9.12
CA ALA D 49 -35.29 -13.29 9.01
C ALA D 49 -36.03 -12.15 8.34
N SER D 50 -35.62 -10.93 8.65
CA SER D 50 -36.15 -9.70 8.06
C SER D 50 -34.99 -8.80 7.61
N ILE D 51 -35.31 -7.74 6.84
CA ILE D 51 -34.33 -6.76 6.39
C ILE D 51 -35.10 -5.45 6.10
N THR D 52 -34.39 -4.31 6.21
CA THR D 52 -35.00 -2.99 5.98
C THR D 52 -35.16 -2.76 4.47
N TRP D 53 -35.98 -1.75 4.08
CA TRP D 53 -36.23 -1.38 2.67
C TRP D 53 -34.91 -1.14 1.98
N SER D 54 -33.99 -0.44 2.66
CA SER D 54 -32.65 -0.11 2.19
C SER D 54 -31.79 -1.36 1.94
N GLY D 55 -32.13 -2.46 2.61
CA GLY D 55 -31.40 -3.72 2.53
C GLY D 55 -30.11 -3.71 3.33
N ILE D 56 -30.01 -2.79 4.32
CA ILE D 56 -28.82 -2.60 5.15
C ILE D 56 -28.94 -3.43 6.46
N ASP D 57 -30.02 -3.26 7.25
CA ASP D 57 -30.16 -3.91 8.57
C ASP D 57 -30.95 -5.25 8.49
N PRO D 58 -30.23 -6.40 8.57
CA PRO D 58 -30.93 -7.70 8.56
C PRO D 58 -31.18 -8.23 9.97
N THR D 59 -32.45 -8.56 10.27
CA THR D 59 -32.83 -9.13 11.57
C THR D 59 -32.93 -10.64 11.41
N TYR D 60 -32.39 -11.41 12.39
CA TYR D 60 -32.40 -12.87 12.29
C TYR D 60 -32.92 -13.54 13.55
N ALA D 61 -33.57 -14.70 13.38
CA ALA D 61 -34.00 -15.55 14.50
C ALA D 61 -32.79 -16.29 15.06
N ASP D 62 -32.63 -16.35 16.40
CA ASP D 62 -31.49 -16.99 17.09
C ASP D 62 -31.18 -18.40 16.51
N SER D 63 -32.23 -19.16 16.15
CA SER D 63 -32.15 -20.52 15.62
C SER D 63 -31.39 -20.61 14.28
N VAL D 64 -31.64 -19.66 13.35
CA VAL D 64 -31.08 -19.70 11.99
C VAL D 64 -30.05 -18.54 11.74
N ALA D 65 -29.82 -17.64 12.73
CA ALA D 65 -28.92 -16.47 12.62
C ALA D 65 -27.48 -16.86 12.21
N ASP D 66 -27.01 -18.01 12.73
CA ASP D 66 -25.67 -18.56 12.53
C ASP D 66 -25.46 -19.17 11.12
N ARG D 67 -26.52 -19.70 10.47
CA ARG D 67 -26.42 -20.39 9.17
C ARG D 67 -27.00 -19.58 8.00
N PHE D 68 -28.17 -18.99 8.22
CA PHE D 68 -28.86 -18.23 7.19
C PHE D 68 -28.38 -16.80 7.06
N THR D 69 -28.50 -16.27 5.85
CA THR D 69 -28.10 -14.89 5.55
C THR D 69 -29.14 -14.30 4.58
N THR D 70 -29.69 -13.11 4.90
CA THR D 70 -30.69 -12.51 4.02
C THR D 70 -30.12 -11.22 3.40
N SER D 71 -30.59 -10.89 2.18
CA SER D 71 -30.19 -9.68 1.47
C SER D 71 -31.34 -9.16 0.62
N ARG D 72 -31.28 -7.88 0.24
CA ARG D 72 -32.32 -7.31 -0.58
C ARG D 72 -31.68 -6.51 -1.73
N ASP D 73 -32.10 -6.84 -2.96
CA ASP D 73 -31.69 -6.17 -4.19
C ASP D 73 -32.71 -5.08 -4.45
N VAL D 74 -32.40 -3.88 -3.92
CA VAL D 74 -33.24 -2.68 -4.00
C VAL D 74 -33.58 -2.37 -5.48
N ALA D 75 -32.62 -2.56 -6.41
CA ALA D 75 -32.76 -2.30 -7.83
C ALA D 75 -33.82 -3.21 -8.47
N ASN D 76 -33.71 -4.53 -8.25
CA ASN D 76 -34.58 -5.55 -8.84
C ASN D 76 -35.74 -5.92 -7.89
N ASN D 77 -35.90 -5.18 -6.78
CA ASN D 77 -36.97 -5.48 -5.84
C ASN D 77 -37.02 -6.98 -5.59
N THR D 78 -35.89 -7.54 -5.17
CA THR D 78 -35.77 -8.97 -4.90
C THR D 78 -35.22 -9.22 -3.50
N LEU D 79 -35.83 -10.14 -2.76
CA LEU D 79 -35.39 -10.56 -1.43
C LEU D 79 -34.73 -11.92 -1.52
N TYR D 80 -33.59 -12.11 -0.82
CA TYR D 80 -32.86 -13.38 -0.87
C TYR D 80 -32.72 -13.98 0.52
N LEU D 81 -32.60 -15.32 0.59
CA LEU D 81 -32.40 -16.05 1.85
C LEU D 81 -31.45 -17.21 1.62
N GLN D 82 -30.17 -16.97 1.90
CA GLN D 82 -29.11 -17.98 1.77
C GLN D 82 -29.20 -18.91 2.96
N MET D 83 -29.53 -20.18 2.71
CA MET D 83 -29.67 -21.16 3.76
C MET D 83 -28.58 -22.22 3.65
N ASN D 84 -27.53 -22.13 4.49
CA ASN D 84 -26.41 -23.08 4.47
C ASN D 84 -26.46 -23.98 5.71
N SER D 85 -25.73 -25.11 5.68
CA SER D 85 -25.64 -26.12 6.75
C SER D 85 -27.05 -26.50 7.22
N LEU D 86 -27.97 -26.75 6.25
CA LEU D 86 -29.38 -27.05 6.48
C LEU D 86 -29.54 -28.38 7.20
N LYS D 87 -30.21 -28.32 8.37
CA LYS D 87 -30.52 -29.46 9.22
C LYS D 87 -31.98 -29.87 9.06
N HIS D 88 -32.30 -31.07 9.54
CA HIS D 88 -33.60 -31.74 9.50
C HIS D 88 -34.66 -31.01 10.38
N GLU D 89 -34.32 -29.81 10.91
CA GLU D 89 -35.24 -28.96 11.68
C GLU D 89 -35.69 -27.78 10.81
N ASP D 90 -34.98 -27.55 9.69
CA ASP D 90 -35.26 -26.46 8.76
C ASP D 90 -36.25 -26.90 7.68
N THR D 91 -36.64 -28.19 7.68
CA THR D 91 -37.63 -28.72 6.73
C THR D 91 -39.01 -28.09 7.09
N ALA D 92 -39.47 -27.15 6.22
CA ALA D 92 -40.72 -26.40 6.41
C ALA D 92 -41.16 -25.69 5.12
N VAL D 93 -42.37 -25.11 5.12
CA VAL D 93 -42.87 -24.31 4.00
C VAL D 93 -42.47 -22.86 4.26
N TYR D 94 -41.52 -22.34 3.46
CA TYR D 94 -41.01 -20.99 3.65
C TYR D 94 -41.83 -19.96 2.88
N TYR D 95 -42.34 -18.95 3.61
CA TYR D 95 -43.17 -17.89 3.07
C TYR D 95 -42.44 -16.57 3.05
N CYS D 96 -42.62 -15.85 1.95
CA CYS D 96 -42.08 -14.54 1.71
C CYS D 96 -43.03 -13.50 2.30
N ALA D 97 -42.48 -12.54 3.06
CA ALA D 97 -43.28 -11.47 3.65
C ALA D 97 -42.94 -10.14 2.97
N ALA D 98 -43.96 -9.48 2.43
CA ALA D 98 -43.79 -8.22 1.71
C ALA D 98 -44.53 -7.10 2.38
N ARG D 99 -43.98 -5.88 2.32
CA ARG D 99 -44.64 -4.71 2.89
C ARG D 99 -45.15 -3.80 1.77
N ALA D 100 -46.34 -3.21 1.93
CA ALA D 100 -46.93 -2.31 0.94
C ALA D 100 -46.13 -0.98 0.85
N PRO D 101 -46.23 -0.21 -0.27
CA PRO D 101 -45.44 1.03 -0.36
C PRO D 101 -45.89 2.09 0.67
N VAL D 102 -47.22 2.26 0.86
CA VAL D 102 -47.83 3.22 1.78
C VAL D 102 -47.43 2.87 3.23
N SER D 107 -44.28 0.55 12.64
CA SER D 107 -44.52 -0.51 11.67
C SER D 107 -43.30 -1.48 11.56
N PRO D 108 -42.81 -2.12 12.67
CA PRO D 108 -41.63 -2.98 12.54
C PRO D 108 -41.96 -4.50 12.49
N TYR D 109 -41.35 -5.19 11.53
CA TYR D 109 -41.53 -6.64 11.41
C TYR D 109 -42.97 -7.12 11.30
N ASP D 110 -43.76 -6.36 10.54
CA ASP D 110 -45.16 -6.67 10.29
C ASP D 110 -45.34 -6.59 8.78
N TYR D 111 -45.81 -7.69 8.17
CA TYR D 111 -45.98 -7.72 6.72
C TYR D 111 -47.45 -7.54 6.32
N ASP D 112 -47.62 -6.99 5.10
CA ASP D 112 -48.90 -6.69 4.50
C ASP D 112 -49.31 -7.76 3.47
N TYR D 113 -48.32 -8.39 2.80
CA TYR D 113 -48.58 -9.43 1.81
C TYR D 113 -47.75 -10.66 2.11
N TRP D 114 -48.40 -11.82 2.23
CA TRP D 114 -47.72 -13.08 2.51
C TRP D 114 -47.41 -13.81 1.21
N GLY D 115 -46.54 -14.83 1.29
CA GLY D 115 -46.17 -15.63 0.14
C GLY D 115 -46.96 -16.93 0.06
N GLN D 116 -47.05 -17.51 -1.16
CA GLN D 116 -47.78 -18.77 -1.40
C GLN D 116 -47.05 -19.94 -0.71
N GLY D 117 -45.72 -19.88 -0.66
CA GLY D 117 -44.89 -20.89 -0.03
C GLY D 117 -43.95 -21.57 -1.00
N THR D 118 -42.73 -21.85 -0.56
CA THR D 118 -41.73 -22.56 -1.36
C THR D 118 -41.16 -23.63 -0.41
N GLN D 119 -41.91 -24.73 -0.26
CA GLN D 119 -41.64 -25.86 0.64
C GLN D 119 -40.17 -26.36 0.47
N VAL D 120 -39.40 -26.36 1.58
CA VAL D 120 -38.00 -26.81 1.65
C VAL D 120 -37.92 -28.11 2.44
N THR D 121 -37.34 -29.17 1.86
CA THR D 121 -37.20 -30.46 2.54
C THR D 121 -35.72 -30.80 2.66
N VAL D 122 -35.28 -31.19 3.87
CA VAL D 122 -33.90 -31.59 4.15
C VAL D 122 -33.92 -33.12 4.44
N SER D 123 -33.77 -33.95 3.38
CA SER D 123 -33.80 -35.42 3.48
C SER D 123 -32.60 -36.05 2.77
N SER D 124 -32.53 -37.41 2.75
CA SER D 124 -31.45 -38.23 2.21
C SER D 124 -31.29 -38.13 0.65
N HIS D 125 -32.20 -37.45 -0.08
CA HIS D 125 -32.04 -37.33 -1.53
C HIS D 125 -32.21 -35.86 -1.98
N HIS D 126 -31.21 -35.28 -2.62
CA HIS D 126 -31.28 -33.90 -3.10
C HIS D 126 -31.45 -33.75 -4.63
N HIS D 127 -31.14 -34.84 -5.34
CA HIS D 127 -31.26 -34.89 -6.79
C HIS D 127 -31.75 -36.26 -7.28
N HIS D 128 -31.24 -37.38 -6.70
CA HIS D 128 -31.64 -38.71 -7.15
C HIS D 128 -31.68 -39.72 -5.96
N HIS D 129 -30.54 -40.31 -5.57
CA HIS D 129 -30.45 -41.30 -4.48
C HIS D 129 -29.60 -40.78 -3.31
N1 CVV E . 1.91 9.11 20.48
C4 CVV E . -2.66 9.11 18.75
C5 CVV E . -1.18 9.17 19.13
C6 CVV E . -0.62 10.58 19.00
C7 CVV E . 0.72 10.72 18.99
C8 CVV E . 1.67 9.51 19.06
C10 CVV E . 2.54 9.32 22.73
C13 CVV E . 2.43 8.39 25.39
C15 CVV E . 3.63 9.49 23.59
C17 CVV E . -0.43 8.21 18.19
C20 CVV E . 0.49 9.05 14.84
C21 CVV E . -0.68 9.56 14.24
C22 CVV E . -0.92 6.78 18.50
C24 CVV E . -4.60 7.62 19.04
C26 CVV E . -6.01 9.73 19.56
I1 CVV E . -0.47 7.31 25.20
C1 CVV E . -1.86 9.65 14.98
C11 CVV E . 1.39 8.71 23.23
C12 CVV E . 1.33 8.24 24.54
C14 CVV E . 3.59 9.02 24.91
C16 CVV E . 1.09 8.25 18.29
C18 CVV E . -0.66 8.65 16.78
C19 CVV E . 0.50 8.63 16.11
O2 CVV E . 2.99 10.98 21.23
C2 CVV E . -1.81 9.22 16.31
N2 CVV E . -3.11 7.75 19.16
C23 CVV E . -2.44 6.69 18.36
C25 CVV E . -5.37 8.44 20.07
C27 CVV E . -6.85 8.51 19.81
O3 CVV E . 1.54 8.17 16.89
C3 CVV E . -3.00 9.35 17.21
O4 CVV E . 1.66 8.95 14.15
C9 CVV E . 2.55 9.85 21.43
C1 CLR F . -1.26 24.97 14.53
C2 CLR F . 0.23 25.33 14.65
C3 CLR F . 1.15 24.15 14.32
C4 CLR F . 0.85 23.57 12.94
C5 CLR F . -0.65 23.31 12.75
C6 CLR F . -0.97 22.14 12.15
C7 CLR F . -2.36 21.54 12.19
C8 CLR F . -3.40 22.67 12.21
C9 CLR F . -3.08 23.62 13.41
C10 CLR F . -1.71 24.33 13.20
C11 CLR F . -4.27 24.57 13.78
C12 CLR F . -5.70 24.10 13.47
C13 CLR F . -5.85 23.36 12.13
C14 CLR F . -4.86 22.18 12.24
C15 CLR F . -5.28 21.18 11.15
C16 CLR F . -6.80 21.33 11.13
C17 CLR F . -7.16 22.56 11.98
C18 CLR F . -5.63 24.33 10.94
C19 CLR F . -1.79 25.42 12.11
C20 CLR F . -8.51 23.22 11.59
C21 CLR F . -8.92 24.45 12.40
C22 CLR F . -9.66 22.21 11.67
C23 CLR F . -10.58 22.21 10.44
C24 CLR F . -10.67 20.85 9.73
C25 CLR F . -11.79 20.01 10.31
C26 CLR F . -11.31 18.85 11.17
C27 CLR F . -12.91 19.61 9.35
O1 CLR F . 2.51 24.61 14.34
C1 OLA G . -9.64 30.83 31.83
O1 OLA G . -8.68 31.54 32.27
O2 OLA G . -9.71 30.57 30.60
C2 OLA G . -10.69 30.31 32.81
C3 OLA G . -10.94 28.80 32.62
C4 OLA G . -11.51 28.15 33.88
C5 OLA G . -11.37 26.63 33.77
C6 OLA G . -12.59 25.98 34.42
C7 OLA G . -12.43 24.46 34.44
C8 OLA G . -13.72 23.82 33.90
C9 OLA G . -14.50 23.15 35.03
C10 OLA G . -15.77 23.40 35.32
C11 OLA G . -16.68 24.41 34.61
C12 OLA G . -18.05 23.78 34.37
N1 CVV H . -2.73 -8.86 -20.97
C4 CVV H . 0.28 -5.15 -20.38
C5 CVV H . -0.78 -6.25 -20.42
C6 CVV H . -2.15 -5.69 -20.81
C7 CVV H . -3.22 -6.47 -20.56
C8 CVV H . -3.08 -7.86 -19.91
C10 CVV H . -2.97 -10.16 -22.90
C13 CVV H . -1.83 -11.77 -24.94
C15 CVV H . -3.75 -11.09 -23.62
C17 CVV H . -0.83 -6.87 -19.03
C20 CVV H . -2.57 -5.41 -16.25
C21 CVV H . -2.16 -4.06 -16.21
C22 CVV H . 0.51 -7.54 -18.72
C24 CVV H . 2.73 -4.93 -20.40
C26 CVV H . 2.57 -2.95 -22.05
I1 CVV H . 1.03 -10.60 -24.74
C1 CVV H . -1.25 -3.59 -17.17
C11 CVV H . -1.62 -10.03 -23.26
C12 CVV H . -1.03 -10.83 -24.26
C14 CVV H . -3.19 -11.91 -24.61
C16 CVV H . -1.95 -7.88 -18.80
C18 CVV H . -1.19 -5.80 -18.04
C19 CVV H . -2.12 -6.27 -17.19
O2 CVV H . -4.75 -9.01 -22.03
C2 CVV H . -0.80 -4.50 -18.14
N2 CVV H . 1.58 -5.88 -20.24
C23 CVV H . 1.67 -6.55 -18.93
C25 CVV H . 2.93 -4.41 -21.82
C27 CVV H . 4.03 -3.36 -21.93
O3 CVV H . -2.44 -7.58 -17.44
C3 CVV H . 0.11 -4.06 -19.24
O4 CVV H . -3.46 -5.91 -15.34
C9 CVV H . -3.56 -9.33 -21.93
C1 CLR I . -11.09 6.03 -23.24
C2 CLR I . -12.43 5.30 -23.21
C3 CLR I . -12.44 4.12 -22.23
C4 CLR I . -12.03 4.57 -20.82
C5 CLR I . -10.75 5.41 -20.83
C6 CLR I . -9.85 5.15 -19.86
C7 CLR I . -8.41 5.61 -19.93
C8 CLR I . -8.33 6.96 -20.65
C9 CLR I . -9.01 6.82 -22.04
C10 CLR I . -10.54 6.52 -21.89
C11 CLR I . -8.66 7.99 -23.01
C12 CLR I . -7.32 8.72 -22.83
C13 CLR I . -6.91 8.94 -21.35
C14 CLR I . -6.90 7.54 -20.74
C15 CLR I . -6.11 7.65 -19.44
C16 CLR I . -5.04 8.69 -19.78
C17 CLR I . -5.42 9.31 -21.15
C18 CLR I . -7.86 9.97 -20.69
C19 CLR I . -11.32 7.77 -21.43
C20 CLR I . -4.87 10.75 -21.36
C21 CLR I . -5.29 11.46 -22.65
C22 CLR I . -3.34 10.76 -21.29
C23 CLR I . -2.77 11.85 -20.39
C24 CLR I . -1.25 11.88 -20.58
C25 CLR I . -0.54 11.27 -19.39
C26 CLR I . -0.03 9.86 -19.65
C27 CLR I . 0.48 12.17 -18.72
O1 CLR I . -13.75 3.56 -22.16
#